data_7TYY
#
_entry.id   7TYY
#
_cell.length_a   1.00
_cell.length_b   1.00
_cell.length_c   1.00
_cell.angle_alpha   90.00
_cell.angle_beta   90.00
_cell.angle_gamma   90.00
#
_symmetry.space_group_name_H-M   'P 1'
#
loop_
_entity.id
_entity.type
_entity.pdbx_description
1 polymer 'Receptor activity-modifying protein 2'
2 polymer Calcitonin-1
3 polymer 'Calcitonin receptor'
4 polymer 'Guanine nucleotide-binding protein G(s) subunit alpha isoforms short'
5 polymer 'Guanine nucleotide-binding protein G(I)/G(S)/G(T) subunit beta-1'
6 polymer 'Guanine nucleotide-binding protein G(I)/G(S)/G(O) subunit gamma-2'
7 polymer 'nanobody 35'
8 non-polymer 2-acetamido-2-deoxy-beta-D-glucopyranose
9 non-polymer 'PALMITIC ACID'
10 non-polymer 'CHOLESTEROL HEMISUCCINATE'
11 water water
#
loop_
_entity_poly.entity_id
_entity_poly.type
_entity_poly.pdbx_seq_one_letter_code
_entity_poly.pdbx_strand_id
1 'polypeptide(L)'
;MKTIIALSYIFCLVFADYKDDDDKPLPTTGTPGSEGGTVKNYETAVQFCWNHYKDQMDPIEKDWCDWAMISRPYSTLRDC
LEHFAELFDLGFPNPLAERIIFETHQIHFANCSLVQPTFSDPPEDVLLAMIIAPICLIPFLITLVVWRSKDSEAQA
;
E
2 'polypeptide(L)' CSNLSTCVLGKLSQELHKLQTYPRTNTGSGTP(NH2) P
3 'polypeptide(L)'
;MKTIIALSYIFCLVFADYKDDDDLEVLFQGPAAFSNQTYPTIEPKPFLYVVGRKKMMDAQYKCYDRMQQLPAYQGEGPYC
NRTWDGWLCWDDTPAGVLSYQFCPDYFPDFDPSEKVTKYCDEKGVWFKHPENNRTWSNYTMCNAFTPEKLKNAYVLYYLA
IVGHSLSIFTLVISLGIFVFFRSLGCQRVTLHKNMFLTYILNSMIIIIHLVEVVPNGELVRRDPVSCKILHFFHQYMMAC
NYFWMLCEGIYLHTLIVVAVFTEKQRLRWYYLLGWGFPLVPTTIHAITRAVYFNDNCWLSVETHLLYIIHGPVMAALVVN
FFFLLNIVRVLVTKMRETHEAESHMYLKAVKATMILVPLLGIQFVVFPWRPSNKMLGKIYDYVMHSLIHFQGFFVATIYC
FCNNEVQTTVKRQWAQFKIQWNQRWGRRPSNRSARAAAAAAEAGDIPIYICHQELRNEPANNQGEESAEIIPLNIIEQES
SAPAGLEVLFQGPHHHHHHHH
;
R
4 'polypeptide(L)'
;MGCLGNSKTEDQRNEEKAQREANKKIEKQLQKDKQVYRATHRLLLLGAGESGKNTIVKQMRILHVNGFNGEGGEEDPQAA
RSNSDGEKATKVQDIKNNLKEAIETIVAAMSNLVPPVELANPENQFRVDYILSVMNVPDFDFPPEFYEHAKALWEDEGVR
ACYERSNEYQLIDCAQYFLDKIDVIKQADYVPSDQDLLRCRVLTSGIFETKFQVDKVNFHMFDVGAQRDERRKWIQCFND
VTAIIFVVASSSYNMVIREDNQTNRLQAALKLFDSIWNNKWLRDTSVILFLNKQDLLAEKVLAGKSKIEDYFPEFARYTT
PEDATPEPGEDPRVTRAKYFIRDEFLRISTASGDGRHYCYPHFTCSVDTENIRRVFNDCRDIIQRMHLRQYELL
;
A
5 'polypeptide(L)'
;MHHHHHHGSSGSELDQLRQEAEQLKNQIRDARKACADATLSQITNNIDPVGRIQMRTRRTLRGHLAKIYAMHWGTDSRLL
VSASQDGKLIIWDSYTTNKVHAIPLRSSWVMTCAYAPSGNYVACGGLDNICSIYNLKTREGNVRVSRELAGHTGYLSCCR
FLDDNQIVTSSGDTTCALWDIETGQQTTTFTGHTGDVMSLSLAPDTRLFVSGACDASAKLWDVREGMCRQTFTGHESDIN
AICFFPNGNAFATGSDDATCRLFDLRADQELMTYSHDNIICGITSVSFSKSGRLLLAGYDDFNCNVWDALKADRAGVLAG
HDNRVSCLGVTDDGMAVATGSWDSFLKIWN
;
B
6 'polypeptide(L)' MASNNTASIAQARKLVEQLKMEANIDRIKVSKAAADLMAYCEAHAKEDPLLTPVPASENPFREKKFFCAIL G
7 'polypeptide(L)'
;QVQLQESGGGLVQPGGSLRLSCAASGFTFSNYKMNWVRQAPGKGLEWVSDISQSGASISYTGSVKGRFTISRDNAKNTLY
LQMNSLKPEDTAVYYCARCPAPFTRDCFDVTSTTYAYRGQGTQVTVSSHHHHHHEPEA
;
N
#
# COMPACT_ATOMS: atom_id res chain seq x y z
N ASN A 41 -41.45 -69.54 -26.79
CA ASN A 41 -41.52 -69.12 -25.39
C ASN A 41 -41.56 -67.61 -25.29
N TYR A 42 -41.15 -66.93 -26.37
CA TYR A 42 -41.15 -65.46 -26.34
C TYR A 42 -42.56 -64.91 -26.27
N GLU A 43 -43.48 -65.43 -27.11
CA GLU A 43 -44.85 -64.95 -27.09
C GLU A 43 -45.52 -65.21 -25.74
N THR A 44 -45.14 -66.30 -25.07
CA THR A 44 -45.64 -66.55 -23.73
C THR A 44 -45.14 -65.48 -22.76
N ALA A 45 -43.96 -64.91 -23.03
CA ALA A 45 -43.43 -63.85 -22.18
C ALA A 45 -44.14 -62.52 -22.42
N VAL A 46 -44.54 -62.25 -23.66
CA VAL A 46 -45.24 -61.01 -23.98
C VAL A 46 -46.57 -60.94 -23.23
N GLN A 47 -47.28 -62.07 -23.16
CA GLN A 47 -48.59 -62.08 -22.51
C GLN A 47 -48.49 -62.00 -20.99
N PHE A 48 -47.32 -62.29 -20.40
CA PHE A 48 -47.19 -62.27 -18.95
C PHE A 48 -47.23 -60.85 -18.41
N CYS A 49 -46.29 -60.01 -18.84
CA CYS A 49 -46.27 -58.61 -18.41
C CYS A 49 -47.32 -57.76 -19.10
N TRP A 50 -48.08 -58.32 -20.06
CA TRP A 50 -49.09 -57.52 -20.75
C TRP A 50 -50.26 -57.19 -19.82
N ASN A 51 -50.98 -58.21 -19.36
CA ASN A 51 -52.08 -57.97 -18.44
C ASN A 51 -51.58 -57.56 -17.06
N HIS A 52 -50.32 -57.87 -16.73
CA HIS A 52 -49.70 -57.28 -15.55
C HIS A 52 -49.71 -55.75 -15.65
N TYR A 53 -49.50 -55.22 -16.85
CA TYR A 53 -49.68 -53.80 -17.07
C TYR A 53 -51.14 -53.39 -17.00
N LYS A 54 -52.07 -54.32 -17.21
CA LYS A 54 -53.49 -54.02 -17.18
C LYS A 54 -54.08 -54.06 -15.77
N ASP A 55 -53.73 -55.08 -14.98
CA ASP A 55 -54.28 -55.18 -13.63
C ASP A 55 -53.81 -54.04 -12.72
N GLN A 56 -52.77 -53.33 -13.12
CA GLN A 56 -52.35 -52.12 -12.42
C GLN A 56 -52.97 -50.87 -13.02
N MET A 57 -53.29 -50.91 -14.31
CA MET A 57 -53.79 -49.76 -15.05
C MET A 57 -55.31 -49.73 -15.16
N ASP A 58 -55.97 -50.87 -15.01
CA ASP A 58 -57.42 -50.90 -15.12
C ASP A 58 -58.11 -50.09 -14.01
N PRO A 59 -57.73 -50.18 -12.72
CA PRO A 59 -58.44 -49.40 -11.70
C PRO A 59 -58.23 -47.90 -11.82
N ILE A 60 -57.49 -47.46 -12.84
CA ILE A 60 -57.29 -46.03 -13.08
C ILE A 60 -58.00 -45.64 -14.37
N GLU A 61 -58.94 -46.48 -14.83
CA GLU A 61 -59.55 -46.27 -16.13
C GLU A 61 -60.36 -44.97 -16.17
N LYS A 62 -60.76 -44.45 -15.01
CA LYS A 62 -61.57 -43.23 -14.99
C LYS A 62 -60.77 -42.03 -15.51
N ASP A 63 -59.48 -41.96 -15.15
CA ASP A 63 -58.60 -40.89 -15.59
C ASP A 63 -57.26 -41.48 -16.03
N TRP A 64 -57.34 -42.56 -16.81
CA TRP A 64 -56.14 -43.22 -17.30
C TRP A 64 -55.42 -42.41 -18.38
N CYS A 65 -55.98 -41.30 -18.82
CA CYS A 65 -55.35 -40.47 -19.83
C CYS A 65 -54.57 -39.29 -19.23
N ASP A 66 -54.34 -39.29 -17.93
CA ASP A 66 -53.47 -38.33 -17.28
C ASP A 66 -52.04 -38.88 -17.21
N TRP A 67 -51.06 -38.01 -17.41
CA TRP A 67 -49.68 -38.48 -17.51
C TRP A 67 -49.10 -38.83 -16.13
N ALA A 68 -49.35 -37.99 -15.12
CA ALA A 68 -48.84 -38.27 -13.79
C ALA A 68 -49.43 -39.54 -13.19
N MET A 69 -50.59 -39.96 -13.70
CA MET A 69 -51.22 -41.17 -13.19
C MET A 69 -50.70 -42.43 -13.90
N ILE A 70 -50.02 -42.25 -15.04
CA ILE A 70 -49.52 -43.36 -15.84
C ILE A 70 -48.00 -43.36 -15.96
N SER A 71 -47.31 -42.56 -15.14
CA SER A 71 -45.86 -42.44 -15.25
C SER A 71 -45.17 -43.80 -15.05
N ARG A 72 -45.53 -44.51 -13.98
CA ARG A 72 -44.94 -45.81 -13.71
C ARG A 72 -45.56 -46.92 -14.56
N PRO A 73 -46.89 -47.01 -14.70
CA PRO A 73 -47.45 -48.11 -15.50
C PRO A 73 -47.01 -48.10 -16.95
N TYR A 74 -46.85 -46.92 -17.56
CA TYR A 74 -46.44 -46.87 -18.96
C TYR A 74 -45.01 -47.38 -19.16
N SER A 75 -44.17 -47.25 -18.13
CA SER A 75 -42.77 -47.63 -18.28
C SER A 75 -42.53 -49.09 -17.90
N THR A 76 -43.28 -49.60 -16.92
CA THR A 76 -43.09 -50.99 -16.49
C THR A 76 -43.66 -51.99 -17.50
N LEU A 77 -44.26 -51.52 -18.59
CA LEU A 77 -44.66 -52.41 -19.67
C LEU A 77 -43.51 -52.62 -20.64
N ARG A 78 -42.74 -51.56 -20.91
CA ARG A 78 -41.66 -51.66 -21.89
C ARG A 78 -40.46 -52.42 -21.34
N ASP A 79 -40.16 -52.25 -20.04
CA ASP A 79 -38.97 -52.89 -19.48
C ASP A 79 -39.13 -54.41 -19.44
N CYS A 80 -40.36 -54.91 -19.34
CA CYS A 80 -40.58 -56.34 -19.56
C CYS A 80 -40.27 -56.73 -21.00
N LEU A 81 -40.64 -55.87 -21.95
CA LEU A 81 -40.48 -56.23 -23.35
C LEU A 81 -39.00 -56.28 -23.75
N GLU A 82 -38.20 -55.33 -23.27
CA GLU A 82 -36.78 -55.37 -23.56
C GLU A 82 -36.07 -56.46 -22.76
N HIS A 83 -36.48 -56.68 -21.50
CA HIS A 83 -35.92 -57.78 -20.73
C HIS A 83 -36.23 -59.12 -21.39
N PHE A 84 -37.45 -59.26 -21.92
CA PHE A 84 -37.77 -60.44 -22.71
C PHE A 84 -37.15 -60.38 -24.10
N ALA A 85 -36.80 -59.18 -24.58
CA ALA A 85 -36.01 -59.09 -25.80
C ALA A 85 -34.59 -59.57 -25.56
N GLU A 86 -34.03 -59.32 -24.37
CA GLU A 86 -32.75 -59.91 -24.00
C GLU A 86 -32.89 -61.39 -23.68
N LEU A 87 -34.10 -61.86 -23.42
CA LEU A 87 -34.32 -63.29 -23.19
C LEU A 87 -34.10 -64.09 -24.47
N PHE A 88 -34.65 -63.62 -25.58
CA PHE A 88 -34.52 -64.27 -26.87
C PHE A 88 -33.49 -63.53 -27.73
N ASP A 89 -33.38 -63.93 -28.99
CA ASP A 89 -32.42 -63.31 -29.90
C ASP A 89 -32.90 -61.94 -30.36
N LEU A 90 -34.18 -61.83 -30.72
CA LEU A 90 -34.72 -60.57 -31.22
C LEU A 90 -34.64 -59.50 -30.13
N GLY A 91 -34.07 -58.35 -30.50
CA GLY A 91 -33.82 -57.26 -29.56
C GLY A 91 -34.82 -56.14 -29.74
N PHE A 92 -35.10 -55.43 -28.65
CA PHE A 92 -36.04 -54.33 -28.70
C PHE A 92 -35.48 -53.19 -29.53
N PRO A 93 -36.30 -52.57 -30.40
CA PRO A 93 -37.70 -52.92 -30.62
C PRO A 93 -37.87 -54.03 -31.66
N ASN A 94 -38.98 -54.74 -31.59
CA ASN A 94 -39.29 -55.79 -32.54
C ASN A 94 -40.78 -55.79 -32.87
N PRO A 95 -41.13 -56.17 -34.11
CA PRO A 95 -42.56 -56.16 -34.49
C PRO A 95 -43.43 -56.99 -33.58
N LEU A 96 -42.88 -58.02 -32.93
CA LEU A 96 -43.64 -58.77 -31.93
C LEU A 96 -43.87 -57.96 -30.66
N ALA A 97 -43.15 -56.86 -30.48
CA ALA A 97 -43.26 -56.04 -29.27
C ALA A 97 -43.85 -54.67 -29.52
N GLU A 98 -43.43 -53.98 -30.59
CA GLU A 98 -43.91 -52.62 -30.82
C GLU A 98 -45.38 -52.60 -31.22
N ARG A 99 -45.89 -53.70 -31.78
CA ARG A 99 -47.31 -53.75 -32.10
C ARG A 99 -48.17 -53.74 -30.83
N ILE A 100 -47.66 -54.31 -29.74
CA ILE A 100 -48.37 -54.23 -28.46
C ILE A 100 -48.34 -52.80 -27.94
N ILE A 101 -47.21 -52.11 -28.09
CA ILE A 101 -47.17 -50.69 -27.76
C ILE A 101 -48.09 -49.89 -28.69
N PHE A 102 -48.13 -50.26 -29.97
CA PHE A 102 -49.10 -49.66 -30.87
C PHE A 102 -50.52 -49.98 -30.44
N GLU A 103 -50.71 -51.16 -29.84
CA GLU A 103 -52.03 -51.54 -29.34
C GLU A 103 -52.44 -50.68 -28.15
N THR A 104 -51.47 -50.31 -27.30
CA THR A 104 -51.81 -49.56 -26.09
C THR A 104 -52.36 -48.18 -26.40
N HIS A 105 -51.86 -47.53 -27.45
CA HIS A 105 -52.24 -46.16 -27.76
C HIS A 105 -53.55 -46.06 -28.53
N GLN A 106 -54.20 -47.19 -28.81
CA GLN A 106 -55.53 -47.22 -29.40
C GLN A 106 -56.60 -47.61 -28.37
N ILE A 107 -56.24 -48.40 -27.37
CA ILE A 107 -57.24 -48.91 -26.44
C ILE A 107 -57.74 -47.81 -25.50
N HIS A 108 -56.84 -47.03 -24.91
CA HIS A 108 -57.21 -46.04 -23.90
C HIS A 108 -56.85 -44.63 -24.33
N PHE A 109 -55.62 -44.39 -24.80
CA PHE A 109 -55.17 -43.02 -25.03
C PHE A 109 -55.95 -42.34 -26.15
N ALA A 110 -56.25 -43.08 -27.22
CA ALA A 110 -56.88 -42.47 -28.38
C ALA A 110 -58.32 -42.08 -28.11
N ASN A 111 -59.02 -42.84 -27.25
CA ASN A 111 -60.42 -42.54 -26.98
C ASN A 111 -60.59 -41.21 -26.27
N CYS A 112 -59.60 -40.81 -25.48
CA CYS A 112 -59.64 -39.54 -24.77
C CYS A 112 -59.34 -38.40 -25.72
N SER A 113 -59.63 -37.18 -25.25
CA SER A 113 -59.22 -35.99 -25.96
C SER A 113 -57.70 -35.84 -25.89
N LEU A 114 -57.16 -35.04 -26.80
CA LEU A 114 -55.72 -34.83 -26.89
C LEU A 114 -55.41 -33.35 -26.73
N VAL A 115 -54.16 -33.08 -26.34
CA VAL A 115 -53.70 -31.71 -26.10
C VAL A 115 -52.86 -31.23 -27.27
N ASP A 121 -38.81 -33.11 -9.41
CA ASP A 121 -38.43 -31.78 -9.88
C ASP A 121 -39.45 -30.73 -9.46
N PRO A 122 -38.97 -29.55 -9.08
CA PRO A 122 -39.88 -28.48 -8.66
C PRO A 122 -40.46 -27.78 -9.87
N PRO A 123 -41.64 -27.14 -9.72
CA PRO A 123 -42.23 -26.41 -10.85
C PRO A 123 -41.47 -25.13 -11.17
N GLU A 124 -41.94 -24.39 -12.17
CA GLU A 124 -41.29 -23.15 -12.56
C GLU A 124 -41.52 -22.03 -11.55
N ASP A 125 -42.51 -22.16 -10.67
CA ASP A 125 -42.79 -21.15 -9.66
C ASP A 125 -42.02 -21.39 -8.37
N VAL A 126 -41.83 -22.65 -7.99
CA VAL A 126 -41.09 -22.95 -6.76
C VAL A 126 -39.58 -22.94 -6.99
N LEU A 127 -39.12 -23.27 -8.19
CA LEU A 127 -37.69 -23.26 -8.47
C LEU A 127 -37.14 -21.84 -8.40
N LEU A 128 -37.90 -20.86 -8.89
CA LEU A 128 -37.47 -19.47 -8.81
C LEU A 128 -37.58 -18.89 -7.41
N ALA A 129 -38.43 -19.48 -6.55
CA ALA A 129 -38.56 -18.99 -5.19
C ALA A 129 -37.26 -19.15 -4.42
N MET A 130 -36.48 -20.19 -4.72
CA MET A 130 -35.19 -20.42 -4.09
C MET A 130 -34.03 -19.94 -4.94
N ILE A 131 -34.32 -19.24 -6.05
CA ILE A 131 -33.29 -18.69 -6.93
C ILE A 131 -33.37 -17.17 -6.98
N ILE A 132 -34.56 -16.62 -7.22
CA ILE A 132 -34.72 -15.17 -7.28
C ILE A 132 -34.51 -14.55 -5.90
N ALA A 133 -34.85 -15.27 -4.83
CA ALA A 133 -34.66 -14.71 -3.49
C ALA A 133 -33.19 -14.58 -3.12
N PRO A 134 -32.34 -15.59 -3.29
CA PRO A 134 -30.91 -15.38 -2.98
C PRO A 134 -30.22 -14.44 -3.95
N ILE A 135 -30.70 -14.34 -5.19
CA ILE A 135 -30.05 -13.45 -6.17
C ILE A 135 -30.29 -12.00 -5.80
N CYS A 136 -31.56 -11.61 -5.64
CA CYS A 136 -31.89 -10.24 -5.30
C CYS A 136 -31.53 -9.87 -3.86
N LEU A 137 -31.15 -10.85 -3.04
CA LEU A 137 -30.73 -10.56 -1.68
C LEU A 137 -29.32 -9.98 -1.62
N ILE A 138 -28.50 -10.22 -2.65
CA ILE A 138 -27.14 -9.72 -2.69
C ILE A 138 -27.11 -8.20 -2.88
N PRO A 139 -27.85 -7.62 -3.82
CA PRO A 139 -27.89 -6.16 -3.90
C PRO A 139 -28.40 -5.51 -2.63
N PHE A 140 -29.22 -6.21 -1.85
CA PHE A 140 -29.62 -5.70 -0.55
C PHE A 140 -28.46 -5.74 0.43
N LEU A 141 -27.70 -6.84 0.43
CA LEU A 141 -26.55 -6.93 1.34
C LEU A 141 -25.41 -6.03 0.89
N ILE A 142 -25.14 -5.98 -0.43
CA ILE A 142 -24.08 -5.12 -0.94
C ILE A 142 -24.32 -3.67 -0.54
N THR A 143 -25.58 -3.24 -0.54
CA THR A 143 -25.90 -1.87 -0.14
C THR A 143 -25.61 -1.64 1.34
N LEU A 144 -25.84 -2.65 2.19
CA LEU A 144 -25.56 -2.51 3.61
C LEU A 144 -24.11 -2.76 3.96
N VAL A 145 -23.33 -3.40 3.08
CA VAL A 145 -21.89 -3.50 3.32
C VAL A 145 -21.25 -2.11 3.27
N VAL A 146 -21.77 -1.23 2.42
CA VAL A 146 -21.27 0.15 2.38
C VAL A 146 -21.57 0.85 3.68
N CYS B 1 -26.47 -24.34 -15.76
CA CYS B 1 -25.12 -24.44 -15.14
C CYS B 1 -24.31 -25.47 -15.93
N SER B 2 -24.93 -26.21 -16.84
CA SER B 2 -24.13 -27.11 -17.70
C SER B 2 -23.16 -26.29 -18.54
N ASN B 3 -23.60 -25.15 -19.10
CA ASN B 3 -22.73 -24.37 -20.01
C ASN B 3 -22.23 -23.08 -19.35
N LEU B 4 -22.52 -22.86 -18.07
CA LEU B 4 -22.13 -21.61 -17.38
C LEU B 4 -20.63 -21.63 -17.09
N SER B 5 -20.00 -20.46 -17.04
CA SER B 5 -18.54 -20.34 -16.77
C SER B 5 -18.21 -20.84 -15.36
N THR B 6 -19.09 -20.56 -14.40
CA THR B 6 -18.84 -20.93 -12.98
C THR B 6 -18.83 -22.46 -12.81
N CYS B 7 -19.48 -23.19 -13.71
CA CYS B 7 -19.59 -24.66 -13.57
C CYS B 7 -18.66 -25.43 -14.50
N VAL B 8 -17.63 -24.79 -15.05
CA VAL B 8 -16.77 -25.48 -16.05
C VAL B 8 -16.12 -26.69 -15.37
N LEU B 9 -15.74 -26.58 -14.09
CA LEU B 9 -15.19 -27.77 -13.40
C LEU B 9 -16.26 -28.87 -13.27
N GLY B 10 -17.49 -28.54 -12.89
CA GLY B 10 -18.54 -29.53 -12.76
C GLY B 10 -18.84 -30.21 -14.09
N LYS B 11 -18.78 -29.44 -15.19
CA LYS B 11 -18.91 -30.04 -16.51
C LYS B 11 -17.74 -30.96 -16.80
N LEU B 12 -16.53 -30.52 -16.44
CA LEU B 12 -15.35 -31.37 -16.61
C LEU B 12 -15.43 -32.59 -15.70
N SER B 13 -15.93 -32.41 -14.48
CA SER B 13 -16.09 -33.56 -13.58
C SER B 13 -17.14 -34.53 -14.10
N GLN B 14 -18.22 -33.99 -14.70
CA GLN B 14 -19.26 -34.86 -15.24
C GLN B 14 -18.79 -35.56 -16.51
N GLU B 15 -18.13 -34.81 -17.41
CA GLU B 15 -17.66 -35.41 -18.65
C GLU B 15 -16.65 -36.53 -18.39
N LEU B 16 -15.76 -36.33 -17.42
CA LEU B 16 -14.81 -37.38 -17.08
C LEU B 16 -15.51 -38.57 -16.43
N HIS B 17 -16.58 -38.32 -15.68
CA HIS B 17 -17.27 -39.40 -14.99
C HIS B 17 -18.23 -40.13 -15.93
N LYS B 18 -18.92 -39.40 -16.81
CA LYS B 18 -19.93 -40.02 -17.65
C LYS B 18 -19.32 -40.95 -18.69
N LEU B 19 -18.11 -40.63 -19.17
CA LEU B 19 -17.48 -41.43 -20.21
C LEU B 19 -16.61 -42.55 -19.65
N GLN B 20 -16.03 -42.37 -18.48
CA GLN B 20 -15.13 -43.38 -17.93
C GLN B 20 -15.87 -44.40 -17.08
N THR B 21 -16.68 -43.93 -16.12
CA THR B 21 -17.35 -44.84 -15.19
C THR B 21 -18.39 -45.69 -15.91
N TYR B 22 -19.24 -45.05 -16.71
CA TYR B 22 -20.30 -45.84 -17.35
C TYR B 22 -19.83 -46.36 -18.70
N PRO B 23 -20.19 -47.59 -19.05
CA PRO B 23 -19.75 -48.17 -20.33
C PRO B 23 -20.44 -47.51 -21.50
N ARG B 24 -19.86 -47.71 -22.68
CA ARG B 24 -20.40 -47.10 -23.89
C ARG B 24 -21.70 -47.79 -24.30
N THR B 25 -22.67 -46.99 -24.73
CA THR B 25 -23.95 -47.54 -25.15
C THR B 25 -23.80 -48.31 -26.46
N ASN B 26 -24.36 -49.51 -26.51
CA ASN B 26 -24.34 -50.30 -27.72
C ASN B 26 -25.32 -49.73 -28.73
N THR B 27 -24.90 -49.55 -29.97
CA THR B 27 -25.78 -48.92 -30.99
C THR B 27 -25.76 -49.84 -32.21
N GLY B 28 -25.43 -51.11 -32.00
CA GLY B 28 -25.35 -52.09 -33.10
C GLY B 28 -26.69 -52.76 -33.35
N SER B 29 -26.67 -53.89 -34.05
CA SER B 29 -27.93 -54.62 -34.35
C SER B 29 -28.58 -55.04 -33.04
N GLY B 30 -29.91 -54.99 -32.98
CA GLY B 30 -30.63 -55.33 -31.73
C GLY B 30 -30.82 -54.10 -30.88
N THR B 31 -30.32 -52.95 -31.33
CA THR B 31 -30.53 -51.68 -30.59
C THR B 31 -31.15 -50.67 -31.56
N PRO B 32 -32.10 -49.84 -31.05
CA PRO B 32 -32.78 -48.91 -31.97
C PRO B 32 -32.10 -48.65 -33.31
N LYS C 45 -29.44 -50.13 -12.58
CA LYS C 45 -28.79 -49.07 -13.35
C LYS C 45 -28.65 -47.80 -12.52
N PRO C 46 -27.61 -47.02 -12.79
CA PRO C 46 -27.39 -45.77 -12.04
C PRO C 46 -28.53 -44.78 -12.25
N PHE C 47 -28.48 -43.70 -11.46
CA PHE C 47 -29.53 -42.70 -11.51
C PHE C 47 -29.57 -41.99 -12.85
N LEU C 48 -28.41 -41.78 -13.47
CA LEU C 48 -28.38 -41.11 -14.77
C LEU C 48 -29.08 -41.92 -15.84
N TYR C 49 -29.09 -43.25 -15.71
CA TYR C 49 -29.85 -44.09 -16.63
C TYR C 49 -31.34 -44.09 -16.30
N VAL C 50 -31.68 -43.80 -15.05
CA VAL C 50 -33.09 -43.73 -14.66
C VAL C 50 -33.76 -42.51 -15.27
N VAL C 51 -33.14 -41.33 -15.10
CA VAL C 51 -33.70 -40.12 -15.69
C VAL C 51 -33.57 -40.16 -17.21
N GLY C 52 -32.58 -40.87 -17.73
CA GLY C 52 -32.48 -41.03 -19.17
C GLY C 52 -33.61 -41.86 -19.73
N ARG C 53 -34.05 -42.88 -19.00
CA ARG C 53 -35.21 -43.65 -19.42
C ARG C 53 -36.50 -42.87 -19.21
N LYS C 54 -36.57 -42.06 -18.16
CA LYS C 54 -37.76 -41.23 -17.95
C LYS C 54 -37.97 -40.27 -19.11
N LYS C 55 -36.88 -39.67 -19.62
CA LYS C 55 -36.98 -38.85 -20.82
C LYS C 55 -37.25 -39.71 -22.05
N MET C 56 -36.76 -40.96 -22.05
CA MET C 56 -37.03 -41.86 -23.16
C MET C 56 -38.50 -42.27 -23.18
N MET C 57 -39.04 -42.66 -22.01
CA MET C 57 -40.45 -43.02 -21.93
C MET C 57 -41.35 -41.81 -22.18
N ASP C 58 -40.89 -40.62 -21.81
CA ASP C 58 -41.67 -39.42 -22.09
C ASP C 58 -41.82 -39.19 -23.60
N ALA C 59 -40.71 -39.27 -24.33
CA ALA C 59 -40.76 -39.07 -25.78
C ALA C 59 -41.48 -40.22 -26.48
N GLN C 60 -41.54 -41.39 -25.84
CA GLN C 60 -42.25 -42.52 -26.45
C GLN C 60 -43.75 -42.23 -26.54
N TYR C 61 -44.33 -41.69 -25.46
CA TYR C 61 -45.76 -41.40 -25.47
C TYR C 61 -46.09 -40.20 -26.34
N LYS C 62 -45.22 -39.19 -26.35
CA LYS C 62 -45.54 -37.96 -27.09
C LYS C 62 -45.63 -38.21 -28.59
N CYS C 63 -44.75 -39.03 -29.15
CA CYS C 63 -44.81 -39.25 -30.59
C CYS C 63 -45.90 -40.25 -30.96
N TYR C 64 -46.14 -41.24 -30.10
CA TYR C 64 -47.30 -42.11 -30.33
C TYR C 64 -48.59 -41.31 -30.24
N ASP C 65 -48.59 -40.22 -29.47
CA ASP C 65 -49.67 -39.24 -29.57
C ASP C 65 -49.52 -38.43 -30.85
N ARG C 66 -48.30 -38.16 -31.28
CA ARG C 66 -48.07 -37.42 -32.52
C ARG C 66 -48.30 -38.31 -33.74
N MET C 67 -48.08 -39.62 -33.60
CA MET C 67 -48.32 -40.55 -34.71
C MET C 67 -49.78 -40.49 -35.15
N GLN C 68 -50.70 -40.43 -34.18
CA GLN C 68 -52.12 -40.33 -34.51
C GLN C 68 -52.53 -38.90 -34.81
N GLN C 69 -51.78 -37.91 -34.32
CA GLN C 69 -52.11 -36.52 -34.56
C GLN C 69 -51.80 -36.12 -36.00
N LEU C 70 -50.64 -36.51 -36.52
CA LEU C 70 -50.29 -36.17 -37.89
C LEU C 70 -51.11 -37.01 -38.86
N PRO C 71 -51.61 -36.40 -39.94
CA PRO C 71 -52.36 -37.17 -40.94
C PRO C 71 -51.41 -37.98 -41.82
N ALA C 72 -52.01 -38.83 -42.65
CA ALA C 72 -51.24 -39.66 -43.57
C ALA C 72 -50.60 -38.79 -44.64
N TYR C 73 -49.26 -38.74 -44.64
CA TYR C 73 -48.51 -37.95 -45.59
C TYR C 73 -48.19 -38.81 -46.82
N GLN C 74 -48.80 -38.49 -47.95
CA GLN C 74 -48.55 -39.19 -49.20
C GLN C 74 -47.43 -38.48 -49.93
N GLY C 75 -46.21 -39.03 -49.83
CA GLY C 75 -45.05 -38.42 -50.44
C GLY C 75 -44.93 -38.71 -51.92
N GLU C 76 -43.68 -38.87 -52.38
CA GLU C 76 -43.40 -39.14 -53.79
C GLU C 76 -43.63 -40.62 -54.07
N GLY C 77 -44.92 -40.99 -54.08
CA GLY C 77 -45.31 -42.36 -54.31
C GLY C 77 -45.11 -43.21 -53.08
N PRO C 78 -44.33 -44.28 -53.21
CA PRO C 78 -44.03 -45.12 -52.05
C PRO C 78 -43.18 -44.36 -51.04
N TYR C 79 -43.67 -44.28 -49.80
CA TYR C 79 -43.00 -43.53 -48.74
C TYR C 79 -42.73 -44.44 -47.56
N CYS C 80 -41.93 -43.93 -46.63
CA CYS C 80 -41.58 -44.66 -45.42
C CYS C 80 -42.58 -44.31 -44.32
N ASN C 81 -43.26 -45.33 -43.78
CA ASN C 81 -44.23 -45.10 -42.72
C ASN C 81 -43.53 -44.61 -41.46
N ARG C 82 -44.15 -43.65 -40.78
CA ARG C 82 -43.60 -43.12 -39.54
C ARG C 82 -43.54 -44.20 -38.47
N THR C 83 -42.41 -44.30 -37.78
CA THR C 83 -42.20 -45.35 -36.79
C THR C 83 -41.39 -44.81 -35.61
N TRP C 84 -41.48 -45.54 -34.50
CA TRP C 84 -40.72 -45.26 -33.30
C TRP C 84 -39.67 -46.35 -33.12
N ASP C 85 -38.40 -45.99 -33.24
CA ASP C 85 -37.34 -46.99 -33.28
C ASP C 85 -36.83 -47.39 -31.90
N GLY C 86 -37.43 -46.88 -30.83
CA GLY C 86 -37.05 -47.22 -29.48
C GLY C 86 -36.38 -46.11 -28.69
N TRP C 87 -35.70 -45.18 -29.37
CA TRP C 87 -35.08 -44.03 -28.73
C TRP C 87 -35.62 -42.71 -29.25
N LEU C 88 -35.87 -42.60 -30.54
CA LEU C 88 -36.52 -41.44 -31.15
C LEU C 88 -37.61 -41.94 -32.07
N CYS C 89 -38.37 -40.99 -32.61
CA CYS C 89 -39.38 -41.31 -33.61
C CYS C 89 -39.13 -40.48 -34.85
N TRP C 90 -39.47 -41.04 -36.02
CA TRP C 90 -39.19 -40.44 -37.30
C TRP C 90 -40.51 -40.25 -38.04
N ASP C 91 -40.69 -39.06 -38.61
CA ASP C 91 -41.92 -38.72 -39.31
C ASP C 91 -41.98 -39.41 -40.67
N ASP C 92 -43.02 -39.08 -41.43
CA ASP C 92 -43.20 -39.64 -42.76
C ASP C 92 -42.12 -39.11 -43.69
N THR C 93 -41.31 -40.02 -44.23
CA THR C 93 -40.20 -39.64 -45.09
C THR C 93 -40.38 -40.24 -46.48
N PRO C 94 -39.94 -39.52 -47.52
CA PRO C 94 -39.98 -40.09 -48.87
C PRO C 94 -38.93 -41.18 -49.04
N ALA C 95 -39.09 -41.94 -50.13
CA ALA C 95 -38.15 -43.01 -50.44
C ALA C 95 -36.82 -42.44 -50.91
N GLY C 96 -35.73 -42.83 -50.24
CA GLY C 96 -34.40 -42.41 -50.60
C GLY C 96 -33.90 -41.17 -49.88
N VAL C 97 -34.75 -40.48 -49.13
CA VAL C 97 -34.36 -39.27 -48.42
C VAL C 97 -33.78 -39.65 -47.07
N LEU C 98 -32.58 -39.17 -46.78
CA LEU C 98 -31.89 -39.50 -45.54
C LEU C 98 -32.41 -38.59 -44.42
N SER C 99 -33.04 -39.19 -43.42
CA SER C 99 -33.64 -38.43 -42.32
C SER C 99 -32.57 -38.15 -41.26
N TYR C 100 -32.50 -36.91 -40.82
CA TYR C 100 -31.53 -36.47 -39.81
C TYR C 100 -32.27 -35.96 -38.58
N GLN C 101 -31.78 -36.34 -37.40
CA GLN C 101 -32.33 -35.89 -36.13
C GLN C 101 -31.20 -35.79 -35.11
N PHE C 102 -31.41 -34.94 -34.11
CA PHE C 102 -30.40 -34.74 -33.07
C PHE C 102 -30.33 -35.95 -32.15
N CYS C 103 -29.15 -36.20 -31.61
CA CYS C 103 -28.95 -37.34 -30.73
C CYS C 103 -29.69 -37.12 -29.41
N PRO C 104 -30.31 -38.17 -28.87
CA PRO C 104 -31.00 -38.03 -27.58
C PRO C 104 -30.03 -38.01 -26.41
N ASP C 105 -30.52 -37.50 -25.28
CA ASP C 105 -29.74 -37.38 -24.05
C ASP C 105 -30.13 -38.42 -23.03
N TYR C 106 -30.47 -39.64 -23.46
CA TYR C 106 -30.88 -40.69 -22.54
C TYR C 106 -29.71 -41.46 -21.96
N PHE C 107 -28.51 -41.30 -22.51
CA PHE C 107 -27.34 -42.04 -22.07
C PHE C 107 -26.18 -41.08 -21.80
N PRO C 108 -25.27 -41.44 -20.89
CA PRO C 108 -24.18 -40.51 -20.56
C PRO C 108 -23.22 -40.27 -21.72
N ASP C 109 -22.88 -41.31 -22.48
CA ASP C 109 -21.94 -41.15 -23.58
C ASP C 109 -22.55 -40.40 -24.76
N PHE C 110 -23.86 -40.21 -24.79
CA PHE C 110 -24.50 -39.48 -25.87
C PHE C 110 -24.37 -37.98 -25.64
N ASP C 111 -24.60 -37.21 -26.72
CA ASP C 111 -24.52 -35.77 -26.67
C ASP C 111 -25.48 -35.20 -27.71
N PRO C 112 -26.30 -34.20 -27.34
CA PRO C 112 -27.29 -33.67 -28.29
C PRO C 112 -26.69 -32.83 -29.41
N SER C 113 -25.36 -32.67 -29.46
CA SER C 113 -24.75 -31.89 -30.54
C SER C 113 -24.73 -32.69 -31.83
N GLU C 114 -24.53 -34.00 -31.75
CA GLU C 114 -24.44 -34.84 -32.92
C GLU C 114 -25.82 -35.06 -33.54
N LYS C 115 -25.84 -35.64 -34.74
CA LYS C 115 -27.05 -35.94 -35.46
C LYS C 115 -27.01 -37.37 -35.97
N VAL C 116 -28.15 -38.05 -35.90
CA VAL C 116 -28.27 -39.44 -36.32
C VAL C 116 -28.96 -39.50 -37.68
N THR C 117 -28.81 -40.65 -38.34
CA THR C 117 -29.38 -40.86 -39.67
C THR C 117 -30.23 -42.13 -39.67
N LYS C 118 -31.36 -42.08 -40.36
CA LYS C 118 -32.21 -43.25 -40.60
C LYS C 118 -32.63 -43.24 -42.06
N TYR C 119 -31.93 -44.02 -42.89
CA TYR C 119 -32.22 -44.06 -44.31
C TYR C 119 -33.52 -44.81 -44.57
N CYS C 120 -34.11 -44.54 -45.74
CA CYS C 120 -35.35 -45.17 -46.17
C CYS C 120 -35.07 -45.95 -47.46
N ASP C 121 -35.25 -47.27 -47.40
CA ASP C 121 -35.06 -48.12 -48.57
C ASP C 121 -36.04 -47.73 -49.67
N GLU C 122 -35.67 -48.04 -50.90
CA GLU C 122 -36.50 -47.70 -52.05
C GLU C 122 -37.58 -48.75 -52.27
N LYS C 123 -38.29 -49.10 -51.20
CA LYS C 123 -39.37 -50.08 -51.28
C LYS C 123 -40.56 -49.71 -50.41
N GLY C 124 -40.55 -48.55 -49.77
CA GLY C 124 -41.58 -48.19 -48.81
C GLY C 124 -41.28 -48.57 -47.39
N VAL C 125 -40.10 -49.13 -47.12
CA VAL C 125 -39.68 -49.55 -45.80
C VAL C 125 -38.37 -48.87 -45.45
N TRP C 126 -38.07 -48.78 -44.16
CA TRP C 126 -36.86 -48.13 -43.71
C TRP C 126 -35.63 -48.99 -44.01
N PHE C 127 -34.45 -48.36 -43.89
CA PHE C 127 -33.20 -49.07 -44.13
C PHE C 127 -32.92 -50.05 -42.99
N LYS C 128 -32.77 -51.32 -43.35
CA LYS C 128 -32.47 -52.36 -42.37
C LYS C 128 -31.00 -52.76 -42.46
N HIS C 129 -30.42 -53.06 -41.29
CA HIS C 129 -29.02 -53.42 -41.23
C HIS C 129 -28.81 -54.80 -41.85
N PRO C 130 -27.78 -54.99 -42.67
CA PRO C 130 -27.47 -56.33 -43.17
C PRO C 130 -26.93 -57.26 -42.08
N GLU C 131 -26.92 -56.79 -40.83
CA GLU C 131 -26.47 -57.62 -39.71
C GLU C 131 -27.42 -58.79 -39.49
N ASN C 132 -28.67 -58.51 -39.15
CA ASN C 132 -29.66 -59.55 -38.92
C ASN C 132 -30.99 -59.27 -39.63
N ASN C 133 -30.97 -58.41 -40.66
CA ASN C 133 -32.16 -58.07 -41.44
C ASN C 133 -33.24 -57.44 -40.56
N ARG C 134 -32.83 -56.45 -39.76
CA ARG C 134 -33.73 -55.74 -38.87
C ARG C 134 -33.63 -54.25 -39.14
N THR C 135 -34.78 -53.57 -39.10
CA THR C 135 -34.81 -52.12 -39.22
C THR C 135 -33.95 -51.49 -38.13
N TRP C 136 -32.98 -50.68 -38.55
CA TRP C 136 -31.99 -50.12 -37.62
C TRP C 136 -31.71 -48.67 -37.99
N SER C 137 -31.57 -47.84 -36.96
CA SER C 137 -31.22 -46.44 -37.12
C SER C 137 -29.76 -46.25 -36.74
N ASN C 138 -29.02 -45.53 -37.57
CA ASN C 138 -27.60 -45.30 -37.30
C ASN C 138 -27.46 -44.34 -36.12
N TYR C 139 -27.09 -44.87 -34.96
CA TYR C 139 -26.86 -44.08 -33.76
C TYR C 139 -25.40 -44.04 -33.35
N THR C 140 -24.50 -44.50 -34.21
CA THR C 140 -23.08 -44.48 -33.87
C THR C 140 -22.56 -43.06 -33.73
N MET C 141 -23.19 -42.09 -34.38
CA MET C 141 -22.70 -40.72 -34.39
C MET C 141 -22.68 -40.09 -33.00
N CYS C 142 -23.53 -40.57 -32.07
CA CYS C 142 -23.58 -39.95 -30.75
C CYS C 142 -22.40 -40.34 -29.90
N ASN C 143 -22.03 -41.62 -29.90
CA ASN C 143 -20.96 -42.13 -29.05
C ASN C 143 -19.66 -42.40 -29.82
N ALA C 144 -19.56 -41.91 -31.06
CA ALA C 144 -18.34 -42.09 -31.83
C ALA C 144 -17.22 -41.16 -31.37
N PHE C 145 -17.55 -40.06 -30.68
CA PHE C 145 -16.57 -39.10 -30.23
C PHE C 145 -16.24 -39.24 -28.75
N THR C 146 -16.73 -40.29 -28.10
CA THR C 146 -16.41 -40.50 -26.69
C THR C 146 -14.92 -40.74 -26.44
N PRO C 147 -14.19 -41.55 -27.23
CA PRO C 147 -12.75 -41.67 -26.97
C PRO C 147 -11.98 -40.37 -27.10
N GLU C 148 -12.39 -39.50 -28.02
CA GLU C 148 -11.69 -38.22 -28.18
C GLU C 148 -12.17 -37.19 -27.18
N LYS C 149 -13.42 -37.29 -26.72
CA LYS C 149 -13.89 -36.39 -25.68
C LYS C 149 -13.29 -36.75 -24.32
N LEU C 150 -13.08 -38.04 -24.07
CA LEU C 150 -12.43 -38.46 -22.83
C LEU C 150 -10.97 -38.01 -22.80
N LYS C 151 -10.30 -38.06 -23.95
CA LYS C 151 -8.92 -37.57 -24.00
C LYS C 151 -8.87 -36.05 -23.88
N ASN C 152 -9.80 -35.35 -24.53
CA ASN C 152 -9.86 -33.90 -24.40
C ASN C 152 -10.22 -33.49 -22.97
N ALA C 153 -11.04 -34.29 -22.29
CA ALA C 153 -11.35 -33.98 -20.90
C ALA C 153 -10.16 -34.24 -19.99
N TYR C 154 -9.36 -35.28 -20.30
CA TYR C 154 -8.20 -35.58 -19.49
C TYR C 154 -7.14 -34.48 -19.58
N VAL C 155 -7.04 -33.82 -20.74
CA VAL C 155 -6.13 -32.69 -20.85
C VAL C 155 -6.59 -31.55 -19.94
N LEU C 156 -7.89 -31.26 -19.95
CA LEU C 156 -8.44 -30.27 -19.04
C LEU C 156 -8.42 -30.78 -17.60
N TYR C 157 -8.56 -32.10 -17.40
CA TYR C 157 -8.49 -32.66 -16.06
C TYR C 157 -7.10 -32.48 -15.45
N TYR C 158 -6.05 -32.73 -16.25
CA TYR C 158 -4.69 -32.49 -15.78
C TYR C 158 -4.32 -31.02 -15.83
N LEU C 159 -4.98 -30.23 -16.67
CA LEU C 159 -4.81 -28.78 -16.62
C LEU C 159 -5.31 -28.21 -15.30
N ALA C 160 -6.31 -28.87 -14.69
CA ALA C 160 -6.81 -28.43 -13.40
C ALA C 160 -5.89 -28.85 -12.26
N ILE C 161 -5.43 -30.10 -12.28
CA ILE C 161 -4.55 -30.59 -11.22
C ILE C 161 -3.25 -29.80 -11.20
N VAL C 162 -2.63 -29.64 -12.36
CA VAL C 162 -1.41 -28.83 -12.45
C VAL C 162 -1.73 -27.36 -12.23
N GLY C 163 -2.89 -26.91 -12.70
CA GLY C 163 -3.30 -25.53 -12.45
C GLY C 163 -3.55 -25.26 -10.98
N HIS C 164 -4.19 -26.20 -10.30
CA HIS C 164 -4.43 -26.06 -8.87
C HIS C 164 -3.21 -26.45 -8.03
N SER C 165 -2.15 -26.98 -8.65
CA SER C 165 -0.91 -27.24 -7.94
C SER C 165 -0.04 -26.00 -7.82
N LEU C 166 -0.10 -25.09 -8.80
CA LEU C 166 0.60 -23.82 -8.69
C LEU C 166 -0.22 -22.78 -7.92
N SER C 167 -1.55 -22.91 -7.93
CA SER C 167 -2.40 -22.09 -7.08
C SER C 167 -2.34 -22.50 -5.62
N ILE C 168 -1.57 -23.52 -5.29
CA ILE C 168 -1.32 -23.93 -3.91
C ILE C 168 0.14 -23.67 -3.53
N PHE C 169 1.07 -24.04 -4.40
CA PHE C 169 2.48 -23.80 -4.13
C PHE C 169 2.77 -22.31 -4.01
N THR C 170 2.28 -21.52 -4.97
CA THR C 170 2.54 -20.09 -4.98
C THR C 170 1.62 -19.30 -4.06
N LEU C 171 0.67 -19.95 -3.39
CA LEU C 171 -0.27 -19.24 -2.51
C LEU C 171 0.04 -19.42 -1.03
N VAL C 172 0.35 -20.64 -0.59
CA VAL C 172 0.77 -20.84 0.79
C VAL C 172 2.06 -20.08 1.06
N ILE C 173 2.90 -19.92 0.04
CA ILE C 173 4.06 -19.04 0.15
C ILE C 173 3.61 -17.59 0.17
N SER C 174 2.63 -17.24 -0.67
CA SER C 174 2.13 -15.86 -0.69
C SER C 174 1.34 -15.54 0.57
N LEU C 175 0.44 -16.45 0.99
CA LEU C 175 -0.30 -16.24 2.22
C LEU C 175 0.62 -16.25 3.43
N GLY C 176 1.71 -17.03 3.38
CA GLY C 176 2.66 -17.03 4.47
C GLY C 176 3.41 -15.72 4.62
N ILE C 177 3.59 -15.00 3.51
CA ILE C 177 4.32 -13.73 3.57
C ILE C 177 3.51 -12.68 4.30
N PHE C 178 2.19 -12.64 4.06
CA PHE C 178 1.36 -11.58 4.62
C PHE C 178 1.23 -11.72 6.13
N VAL C 179 0.97 -12.93 6.62
CA VAL C 179 0.79 -13.11 8.07
C VAL C 179 2.11 -13.06 8.80
N PHE C 180 3.21 -13.45 8.14
CA PHE C 180 4.53 -13.36 8.77
C PHE C 180 5.00 -11.91 8.81
N PHE C 181 5.13 -11.29 7.64
CA PHE C 181 5.50 -9.88 7.55
C PHE C 181 4.24 -9.05 7.77
N ARG C 182 3.96 -8.75 9.03
CA ARG C 182 2.76 -7.99 9.37
C ARG C 182 2.93 -6.50 9.10
N SER C 183 4.12 -6.04 8.70
CA SER C 183 4.27 -4.66 8.26
C SER C 183 3.42 -4.39 7.03
N LEU C 184 3.23 -5.40 6.17
CA LEU C 184 2.29 -5.29 5.06
C LEU C 184 0.84 -5.33 5.55
N GLY C 185 0.61 -5.72 6.80
CA GLY C 185 -0.73 -5.86 7.33
C GLY C 185 -1.58 -4.62 7.24
N CYS C 186 -2.67 -4.71 6.48
CA CYS C 186 -3.62 -3.62 6.33
C CYS C 186 -4.98 -4.23 6.01
N GLN C 187 -5.98 -3.36 5.85
CA GLN C 187 -7.31 -3.86 5.54
C GLN C 187 -7.38 -4.44 4.13
N ARG C 188 -6.57 -3.92 3.21
CA ARG C 188 -6.48 -4.54 1.89
C ARG C 188 -5.85 -5.92 1.97
N VAL C 189 -4.87 -6.09 2.86
CA VAL C 189 -4.20 -7.38 2.99
C VAL C 189 -5.06 -8.38 3.75
N THR C 190 -5.69 -7.93 4.84
CA THR C 190 -6.50 -8.85 5.64
C THR C 190 -7.69 -9.39 4.86
N LEU C 191 -8.13 -8.66 3.82
CA LEU C 191 -9.13 -9.20 2.91
C LEU C 191 -8.48 -10.07 1.84
N HIS C 192 -7.27 -9.71 1.41
CA HIS C 192 -6.54 -10.55 0.48
C HIS C 192 -6.15 -11.88 1.10
N LYS C 193 -5.87 -11.88 2.41
CA LYS C 193 -5.56 -13.14 3.08
C LYS C 193 -6.76 -14.06 3.11
N ASN C 194 -7.94 -13.52 3.44
CA ASN C 194 -9.16 -14.31 3.35
C ASN C 194 -9.47 -14.70 1.92
N MET C 195 -9.16 -13.82 0.97
CA MET C 195 -9.30 -14.17 -0.44
C MET C 195 -8.33 -15.29 -0.83
N PHE C 196 -7.10 -15.22 -0.30
CA PHE C 196 -6.13 -16.29 -0.57
C PHE C 196 -6.54 -17.60 0.08
N LEU C 197 -7.23 -17.53 1.23
CA LEU C 197 -7.67 -18.74 1.90
C LEU C 197 -8.81 -19.43 1.16
N THR C 198 -9.67 -18.65 0.52
CA THR C 198 -10.71 -19.25 -0.32
C THR C 198 -10.11 -19.94 -1.54
N TYR C 199 -9.13 -19.29 -2.18
CA TYR C 199 -8.46 -19.91 -3.32
C TYR C 199 -7.72 -21.18 -2.90
N ILE C 200 -7.14 -21.18 -1.69
CA ILE C 200 -6.38 -22.33 -1.23
C ILE C 200 -7.30 -23.47 -0.85
N LEU C 201 -8.30 -23.18 -0.01
CA LEU C 201 -9.19 -24.24 0.46
C LEU C 201 -10.04 -24.82 -0.67
N ASN C 202 -10.45 -23.97 -1.62
CA ASN C 202 -11.17 -24.48 -2.78
C ASN C 202 -10.25 -25.33 -3.65
N SER C 203 -9.01 -24.90 -3.84
CA SER C 203 -8.06 -25.68 -4.63
C SER C 203 -7.75 -27.02 -3.98
N MET C 204 -7.84 -27.10 -2.66
CA MET C 204 -7.59 -28.37 -1.98
C MET C 204 -8.76 -29.32 -2.13
N ILE C 205 -9.99 -28.81 -1.98
CA ILE C 205 -11.16 -29.67 -2.13
C ILE C 205 -11.39 -30.02 -3.59
N ILE C 206 -11.04 -29.12 -4.51
CA ILE C 206 -11.16 -29.43 -5.93
C ILE C 206 -10.21 -30.58 -6.30
N ILE C 207 -8.98 -30.53 -5.80
CA ILE C 207 -8.03 -31.61 -6.04
C ILE C 207 -8.53 -32.91 -5.43
N ILE C 208 -8.98 -32.85 -4.18
CA ILE C 208 -9.54 -34.04 -3.53
C ILE C 208 -10.71 -34.58 -4.34
N HIS C 209 -11.54 -33.69 -4.87
CA HIS C 209 -12.65 -34.13 -5.72
C HIS C 209 -12.15 -34.70 -7.03
N LEU C 210 -11.06 -34.15 -7.58
CA LEU C 210 -10.62 -34.55 -8.91
C LEU C 210 -9.78 -35.82 -8.88
N VAL C 211 -8.96 -36.01 -7.86
CA VAL C 211 -8.08 -37.17 -7.81
C VAL C 211 -8.73 -38.37 -7.12
N GLU C 212 -9.75 -38.17 -6.28
CA GLU C 212 -10.32 -39.26 -5.51
C GLU C 212 -11.72 -39.65 -5.95
N VAL C 213 -12.60 -38.69 -6.20
CA VAL C 213 -14.02 -38.98 -6.41
C VAL C 213 -14.33 -39.27 -7.86
N VAL C 214 -14.11 -38.30 -8.75
CA VAL C 214 -14.56 -38.39 -10.13
C VAL C 214 -13.83 -39.46 -10.96
N PRO C 215 -12.53 -39.78 -10.71
CA PRO C 215 -11.93 -40.84 -11.53
C PRO C 215 -12.25 -42.23 -11.02
N ASN C 216 -12.64 -42.31 -9.75
CA ASN C 216 -12.97 -43.59 -9.12
C ASN C 216 -14.31 -44.08 -9.65
N GLY C 217 -14.30 -45.21 -10.35
CA GLY C 217 -15.52 -45.82 -10.80
C GLY C 217 -16.22 -46.55 -9.67
N GLU C 218 -15.44 -47.14 -8.77
CA GLU C 218 -16.01 -47.90 -7.66
C GLU C 218 -16.67 -46.99 -6.63
N LEU C 219 -16.15 -45.78 -6.43
CA LEU C 219 -16.68 -44.89 -5.40
C LEU C 219 -17.98 -44.24 -5.85
N VAL C 220 -18.07 -43.86 -7.13
CA VAL C 220 -19.24 -43.12 -7.60
C VAL C 220 -20.46 -44.03 -7.72
N ARG C 221 -20.28 -45.28 -8.15
CA ARG C 221 -21.42 -46.18 -8.32
C ARG C 221 -22.11 -46.45 -7.00
N ARG C 222 -21.35 -46.54 -5.90
CA ARG C 222 -21.95 -46.72 -4.59
C ARG C 222 -22.64 -45.46 -4.10
N ASP C 223 -22.32 -44.31 -4.69
CA ASP C 223 -22.86 -42.99 -4.34
C ASP C 223 -23.10 -42.80 -2.84
N PRO C 224 -22.08 -42.90 -2.02
CA PRO C 224 -22.25 -42.67 -0.58
C PRO C 224 -22.25 -41.17 -0.27
N VAL C 225 -22.59 -40.87 0.98
CA VAL C 225 -22.58 -39.48 1.44
C VAL C 225 -21.18 -38.94 1.64
N SER C 226 -20.16 -39.80 1.53
CA SER C 226 -18.78 -39.32 1.66
C SER C 226 -18.38 -38.44 0.49
N CYS C 227 -18.93 -38.71 -0.70
CA CYS C 227 -18.72 -37.87 -1.88
C CYS C 227 -19.84 -36.86 -2.08
N LYS C 228 -20.90 -36.91 -1.28
CA LYS C 228 -21.98 -35.96 -1.40
C LYS C 228 -21.77 -34.72 -0.52
N ILE C 229 -21.36 -34.92 0.73
CA ILE C 229 -21.00 -33.77 1.57
C ILE C 229 -19.66 -33.19 1.16
N LEU C 230 -18.81 -33.97 0.50
CA LEU C 230 -17.60 -33.41 -0.10
C LEU C 230 -17.93 -32.52 -1.30
N HIS C 231 -18.96 -32.89 -2.06
CA HIS C 231 -19.46 -32.00 -3.11
C HIS C 231 -20.04 -30.73 -2.49
N PHE C 232 -20.64 -30.85 -1.30
CA PHE C 232 -21.12 -29.67 -0.60
C PHE C 232 -19.96 -28.74 -0.23
N PHE C 233 -18.90 -29.30 0.34
CA PHE C 233 -17.72 -28.49 0.65
C PHE C 233 -17.08 -27.95 -0.63
N HIS C 234 -17.14 -28.72 -1.72
CA HIS C 234 -16.63 -28.23 -2.99
C HIS C 234 -17.47 -27.06 -3.50
N GLN C 235 -18.79 -27.15 -3.38
CA GLN C 235 -19.66 -26.07 -3.81
C GLN C 235 -19.61 -24.89 -2.84
N TYR C 236 -19.56 -25.18 -1.54
CA TYR C 236 -19.49 -24.12 -0.54
C TYR C 236 -18.24 -23.28 -0.71
N MET C 237 -17.09 -23.92 -0.96
CA MET C 237 -15.85 -23.18 -1.13
C MET C 237 -15.82 -22.44 -2.45
N MET C 238 -16.32 -23.07 -3.53
CA MET C 238 -16.43 -22.38 -4.81
C MET C 238 -17.34 -21.16 -4.68
N ALA C 239 -18.46 -21.30 -3.96
CA ALA C 239 -19.29 -20.14 -3.67
C ALA C 239 -18.55 -19.15 -2.77
N CYS C 240 -17.81 -19.65 -1.80
CA CYS C 240 -17.01 -18.77 -0.94
C CYS C 240 -15.89 -18.11 -1.75
N ASN C 241 -15.30 -18.84 -2.69
CA ASN C 241 -14.25 -18.26 -3.52
C ASN C 241 -14.82 -17.21 -4.47
N TYR C 242 -16.00 -17.48 -5.05
CA TYR C 242 -16.60 -16.54 -5.99
C TYR C 242 -17.23 -15.35 -5.28
N PHE C 243 -17.63 -15.51 -4.02
CA PHE C 243 -18.22 -14.40 -3.28
C PHE C 243 -17.17 -13.55 -2.58
N TRP C 244 -16.00 -14.11 -2.27
CA TRP C 244 -14.93 -13.29 -1.73
C TRP C 244 -14.30 -12.40 -2.79
N MET C 245 -14.41 -12.78 -4.08
CA MET C 245 -14.05 -11.86 -5.14
C MET C 245 -14.96 -10.64 -5.14
N LEU C 246 -16.23 -10.83 -4.76
CA LEU C 246 -17.14 -9.70 -4.61
C LEU C 246 -16.74 -8.83 -3.42
N CYS C 247 -16.33 -9.46 -2.31
CA CYS C 247 -15.86 -8.70 -1.17
C CYS C 247 -14.62 -7.87 -1.53
N GLU C 248 -13.73 -8.41 -2.36
CA GLU C 248 -12.63 -7.62 -2.88
C GLU C 248 -13.13 -6.52 -3.79
N GLY C 249 -14.13 -6.83 -4.63
CA GLY C 249 -14.71 -5.81 -5.50
C GLY C 249 -15.41 -4.71 -4.73
N ILE C 250 -16.15 -5.09 -3.68
CA ILE C 250 -16.82 -4.08 -2.85
C ILE C 250 -15.80 -3.22 -2.13
N TYR C 251 -14.76 -3.85 -1.57
CA TYR C 251 -13.72 -3.09 -0.89
C TYR C 251 -12.95 -2.22 -1.88
N LEU C 252 -12.65 -2.76 -3.07
CA LEU C 252 -11.97 -1.96 -4.08
C LEU C 252 -12.83 -0.80 -4.56
N HIS C 253 -14.15 -0.98 -4.58
CA HIS C 253 -15.08 0.07 -4.97
C HIS C 253 -15.28 1.09 -3.86
N THR C 254 -15.32 0.65 -2.61
CA THR C 254 -15.45 1.57 -1.49
C THR C 254 -14.13 2.25 -1.16
N LEU C 255 -13.01 1.70 -1.62
CA LEU C 255 -11.73 2.34 -1.39
C LEU C 255 -11.44 3.42 -2.42
N ILE C 256 -11.99 3.29 -3.62
CA ILE C 256 -11.66 4.16 -4.75
C ILE C 256 -12.86 5.01 -5.18
N VAL C 257 -14.00 4.37 -5.46
CA VAL C 257 -15.11 5.08 -6.08
C VAL C 257 -15.92 5.86 -5.04
N VAL C 258 -16.53 5.15 -4.09
CA VAL C 258 -17.44 5.75 -3.13
C VAL C 258 -16.84 5.66 -1.74
N ALA C 259 -17.00 6.73 -0.95
CA ALA C 259 -16.52 6.80 0.42
C ALA C 259 -15.00 6.56 0.48
N VAL C 260 -14.27 7.48 -0.15
CA VAL C 260 -12.81 7.32 -0.28
C VAL C 260 -12.13 7.58 1.06
N PHE C 261 -12.67 8.49 1.87
CA PHE C 261 -11.95 8.94 3.05
C PHE C 261 -11.96 7.91 4.17
N THR C 262 -13.09 7.23 4.36
CA THR C 262 -13.22 6.33 5.50
C THR C 262 -12.24 5.16 5.40
N GLU C 263 -11.65 4.81 6.54
CA GLU C 263 -10.69 3.72 6.63
C GLU C 263 -11.13 2.77 7.73
N LYS C 264 -10.53 1.57 7.74
CA LYS C 264 -10.87 0.50 8.68
C LYS C 264 -12.38 0.20 8.63
N GLN C 265 -12.81 -0.26 7.46
CA GLN C 265 -14.22 -0.59 7.24
C GLN C 265 -14.67 -1.69 8.19
N ARG C 266 -15.99 -1.80 8.36
CA ARG C 266 -16.57 -2.88 9.14
C ARG C 266 -16.35 -4.20 8.42
N LEU C 267 -15.46 -5.05 8.94
CA LEU C 267 -15.11 -6.30 8.29
C LEU C 267 -15.98 -7.46 8.74
N ARG C 268 -16.96 -7.22 9.62
CA ARG C 268 -17.85 -8.30 10.04
C ARG C 268 -18.81 -8.69 8.93
N TRP C 269 -19.11 -7.77 8.01
CA TRP C 269 -19.98 -8.09 6.89
C TRP C 269 -19.20 -8.69 5.72
N TYR C 270 -17.91 -8.36 5.58
CA TYR C 270 -17.09 -8.99 4.56
C TYR C 270 -16.86 -10.47 4.89
N TYR C 271 -16.70 -10.80 6.17
CA TYR C 271 -16.62 -12.19 6.57
C TYR C 271 -17.98 -12.87 6.47
N LEU C 272 -19.06 -12.12 6.63
CA LEU C 272 -20.40 -12.69 6.48
C LEU C 272 -20.75 -12.90 5.01
N LEU C 273 -20.47 -11.92 4.16
CA LEU C 273 -20.73 -12.08 2.73
C LEU C 273 -19.78 -13.09 2.10
N GLY C 274 -18.56 -13.19 2.60
CA GLY C 274 -17.57 -14.09 2.04
C GLY C 274 -17.68 -15.52 2.55
N TRP C 275 -18.03 -15.68 3.82
CA TRP C 275 -18.16 -17.00 4.43
C TRP C 275 -19.58 -17.33 4.86
N GLY C 276 -20.22 -16.44 5.63
CA GLY C 276 -21.54 -16.74 6.16
C GLY C 276 -22.63 -16.75 5.13
N PHE C 277 -22.47 -15.98 4.05
CA PHE C 277 -23.49 -15.93 3.01
C PHE C 277 -23.45 -17.13 2.06
N PRO C 278 -22.28 -17.52 1.53
CA PRO C 278 -22.28 -18.62 0.54
C PRO C 278 -22.84 -19.93 1.05
N LEU C 279 -22.96 -20.13 2.36
CA LEU C 279 -23.52 -21.38 2.86
C LEU C 279 -25.03 -21.42 2.67
N VAL C 280 -25.68 -20.26 2.53
CA VAL C 280 -27.13 -20.24 2.34
C VAL C 280 -27.54 -20.83 1.00
N PRO C 281 -26.98 -20.39 -0.15
CA PRO C 281 -27.36 -21.05 -1.41
C PRO C 281 -26.86 -22.48 -1.52
N THR C 282 -25.79 -22.83 -0.81
CA THR C 282 -25.25 -24.18 -0.89
C THR C 282 -26.15 -25.18 -0.16
N THR C 283 -26.62 -24.83 1.04
CA THR C 283 -27.48 -25.73 1.79
C THR C 283 -28.84 -25.87 1.12
N ILE C 284 -29.40 -24.76 0.62
CA ILE C 284 -30.66 -24.82 -0.12
C ILE C 284 -30.48 -25.69 -1.36
N HIS C 285 -29.33 -25.61 -2.01
CA HIS C 285 -29.05 -26.50 -3.13
C HIS C 285 -28.86 -27.93 -2.66
N ALA C 286 -28.03 -28.12 -1.63
CA ALA C 286 -27.73 -29.47 -1.14
C ALA C 286 -28.99 -30.17 -0.62
N ILE C 287 -29.89 -29.43 0.01
CA ILE C 287 -31.14 -30.03 0.49
C ILE C 287 -32.03 -30.39 -0.68
N THR C 288 -32.17 -29.49 -1.65
CA THR C 288 -32.99 -29.77 -2.82
C THR C 288 -32.34 -30.82 -3.71
N ARG C 289 -31.01 -30.85 -3.76
CA ARG C 289 -30.33 -31.88 -4.54
C ARG C 289 -30.54 -33.26 -3.94
N ALA C 290 -30.73 -33.35 -2.62
CA ALA C 290 -31.01 -34.63 -1.99
C ALA C 290 -32.47 -35.01 -2.15
N VAL C 291 -33.38 -34.03 -2.12
CA VAL C 291 -34.79 -34.31 -2.29
C VAL C 291 -35.12 -34.55 -3.76
N TYR C 292 -34.74 -33.60 -4.62
CA TYR C 292 -35.01 -33.67 -6.04
C TYR C 292 -33.71 -33.91 -6.81
N PHE C 293 -33.76 -34.83 -7.78
CA PHE C 293 -32.64 -35.11 -8.68
C PHE C 293 -31.37 -35.46 -7.91
N ASN C 294 -31.46 -36.53 -7.13
CA ASN C 294 -30.33 -37.04 -6.37
C ASN C 294 -29.60 -38.08 -7.20
N ASP C 295 -28.43 -37.72 -7.71
CA ASP C 295 -27.61 -38.60 -8.53
C ASP C 295 -26.34 -38.97 -7.79
N ASN C 296 -25.47 -39.71 -8.47
CA ASN C 296 -24.27 -40.28 -7.86
C ASN C 296 -23.26 -39.18 -7.59
N CYS C 297 -22.95 -38.93 -6.32
CA CYS C 297 -21.95 -37.97 -5.87
C CYS C 297 -22.25 -36.54 -6.31
N TRP C 298 -23.50 -36.28 -6.74
CA TRP C 298 -23.93 -34.96 -7.18
C TRP C 298 -23.02 -34.41 -8.29
N LEU C 299 -22.49 -35.31 -9.12
CA LEU C 299 -21.60 -34.91 -10.19
C LEU C 299 -22.37 -34.25 -11.34
N SER C 300 -23.64 -34.63 -11.50
CA SER C 300 -24.43 -34.11 -12.61
C SER C 300 -24.61 -32.60 -12.49
N VAL C 301 -24.44 -31.91 -13.62
CA VAL C 301 -24.62 -30.46 -13.68
C VAL C 301 -25.71 -30.06 -14.66
N GLU C 302 -26.38 -31.02 -15.30
CA GLU C 302 -27.45 -30.69 -16.23
C GLU C 302 -28.70 -30.18 -15.53
N THR C 303 -28.87 -30.49 -14.25
CA THR C 303 -30.04 -30.03 -13.52
C THR C 303 -29.97 -28.53 -13.26
N HIS C 304 -31.14 -27.91 -13.16
CA HIS C 304 -31.24 -26.49 -12.89
C HIS C 304 -31.13 -26.16 -11.40
N LEU C 305 -30.99 -27.17 -10.54
CA LEU C 305 -30.83 -26.92 -9.11
C LEU C 305 -29.49 -26.29 -8.79
N LEU C 306 -28.53 -26.38 -9.70
CA LEU C 306 -27.17 -25.85 -9.41
C LEU C 306 -27.19 -24.35 -9.66
N TYR C 307 -28.26 -23.85 -10.27
CA TYR C 307 -28.40 -22.38 -10.50
C TYR C 307 -28.65 -21.71 -9.16
N ILE C 308 -29.01 -22.47 -8.14
CA ILE C 308 -29.15 -21.88 -6.78
C ILE C 308 -27.74 -21.42 -6.34
N ILE C 309 -26.72 -22.25 -6.56
CA ILE C 309 -25.32 -21.84 -6.24
C ILE C 309 -24.74 -20.92 -7.31
N HIS C 310 -24.95 -21.19 -8.60
CA HIS C 310 -24.30 -20.43 -9.70
C HIS C 310 -25.18 -19.33 -10.27
N GLY C 311 -26.34 -19.09 -9.66
CA GLY C 311 -27.19 -17.98 -10.10
C GLY C 311 -26.80 -16.77 -9.27
N PRO C 312 -26.91 -16.78 -7.92
CA PRO C 312 -26.37 -15.67 -7.11
C PRO C 312 -24.88 -15.44 -7.33
N VAL C 313 -24.14 -16.50 -7.62
CA VAL C 313 -22.66 -16.38 -7.80
C VAL C 313 -22.38 -15.61 -9.10
N MET C 314 -23.12 -15.90 -10.17
CA MET C 314 -22.94 -15.17 -11.45
C MET C 314 -23.53 -13.76 -11.34
N ALA C 315 -24.46 -13.55 -10.40
CA ALA C 315 -25.03 -12.21 -10.18
C ALA C 315 -24.04 -11.41 -9.35
N ALA C 316 -23.37 -12.06 -8.40
CA ALA C 316 -22.34 -11.38 -7.63
C ALA C 316 -21.11 -11.07 -8.47
N LEU C 317 -20.84 -11.87 -9.50
CA LEU C 317 -19.70 -11.61 -10.37
C LEU C 317 -20.00 -10.53 -11.40
N VAL C 318 -21.27 -10.36 -11.76
CA VAL C 318 -21.65 -9.24 -12.63
C VAL C 318 -21.44 -7.92 -11.90
N VAL C 319 -21.71 -7.89 -10.60
CA VAL C 319 -21.43 -6.70 -9.80
C VAL C 319 -19.93 -6.41 -9.79
N ASN C 320 -19.12 -7.47 -9.76
CA ASN C 320 -17.67 -7.28 -9.87
C ASN C 320 -17.30 -6.69 -11.23
N PHE C 321 -18.01 -7.10 -12.29
CA PHE C 321 -17.78 -6.49 -13.60
C PHE C 321 -18.24 -5.04 -13.63
N PHE C 322 -19.34 -4.74 -12.95
CA PHE C 322 -19.78 -3.35 -12.82
C PHE C 322 -18.85 -2.55 -11.91
N PHE C 323 -18.12 -3.22 -11.03
CA PHE C 323 -17.09 -2.56 -10.22
C PHE C 323 -15.81 -2.35 -11.01
N LEU C 324 -15.49 -3.24 -11.94
CA LEU C 324 -14.34 -3.03 -12.82
C LEU C 324 -14.58 -1.86 -13.77
N LEU C 325 -15.82 -1.67 -14.22
CA LEU C 325 -16.17 -0.54 -15.05
C LEU C 325 -16.27 0.77 -14.28
N ASN C 326 -16.06 0.74 -12.96
CA ASN C 326 -16.04 1.93 -12.13
C ASN C 326 -14.64 2.29 -11.65
N ILE C 327 -13.82 1.30 -11.30
CA ILE C 327 -12.44 1.58 -10.91
C ILE C 327 -11.63 2.02 -12.11
N VAL C 328 -11.80 1.34 -13.25
CA VAL C 328 -11.11 1.74 -14.47
C VAL C 328 -11.62 3.08 -14.96
N ARG C 329 -12.93 3.33 -14.82
CA ARG C 329 -13.48 4.62 -15.20
C ARG C 329 -12.86 5.75 -14.38
N VAL C 330 -12.69 5.53 -13.07
CA VAL C 330 -12.00 6.52 -12.24
C VAL C 330 -10.53 6.58 -12.60
N LEU C 331 -9.91 5.42 -12.83
CA LEU C 331 -8.50 5.38 -13.18
C LEU C 331 -8.22 6.13 -14.48
N VAL C 332 -9.18 6.13 -15.40
CA VAL C 332 -9.00 6.87 -16.65
C VAL C 332 -9.04 8.37 -16.39
N THR C 333 -10.00 8.83 -15.59
CA THR C 333 -10.09 10.26 -15.28
C THR C 333 -8.90 10.72 -14.45
N LYS C 334 -8.33 9.85 -13.62
CA LYS C 334 -7.15 10.23 -12.84
C LYS C 334 -5.96 10.52 -13.75
N MET C 335 -5.79 9.72 -14.80
CA MET C 335 -4.75 9.99 -15.78
C MET C 335 -5.14 11.12 -16.73
N ARG C 336 -6.44 11.35 -16.91
CA ARG C 336 -6.88 12.46 -17.74
C ARG C 336 -6.70 13.80 -17.02
N GLU C 337 -6.79 13.81 -15.69
CA GLU C 337 -6.47 15.01 -14.93
C GLU C 337 -4.98 15.31 -14.90
N THR C 338 -4.15 14.34 -15.29
CA THR C 338 -2.70 14.53 -15.40
C THR C 338 -2.26 14.84 -16.82
N HIS C 339 -3.15 14.67 -17.80
CA HIS C 339 -2.86 14.91 -19.22
C HIS C 339 -1.76 13.99 -19.73
N GLU C 340 -1.74 12.75 -19.27
CA GLU C 340 -0.78 11.77 -19.74
C GLU C 340 -1.10 11.37 -21.18
N ALA C 341 -0.06 10.95 -21.90
CA ALA C 341 -0.22 10.56 -23.29
C ALA C 341 -1.14 9.35 -23.41
N GLU C 342 -1.90 9.31 -24.51
CA GLU C 342 -2.85 8.21 -24.71
C GLU C 342 -2.14 6.89 -24.96
N SER C 343 -0.94 6.92 -25.55
CA SER C 343 -0.17 5.70 -25.75
C SER C 343 0.29 5.10 -24.43
N HIS C 344 0.44 5.91 -23.39
CA HIS C 344 0.79 5.41 -22.06
C HIS C 344 -0.41 5.32 -21.13
N MET C 345 -1.47 6.09 -21.37
CA MET C 345 -2.69 5.95 -20.58
C MET C 345 -3.38 4.62 -20.86
N TYR C 346 -3.49 4.26 -22.14
CA TYR C 346 -4.05 2.96 -22.50
C TYR C 346 -3.17 1.82 -22.04
N LEU C 347 -1.85 2.02 -22.03
CA LEU C 347 -0.94 0.98 -21.54
C LEU C 347 -1.15 0.73 -20.04
N LYS C 348 -1.58 1.74 -19.29
CA LYS C 348 -1.90 1.58 -17.88
C LYS C 348 -3.36 1.23 -17.63
N ALA C 349 -4.26 1.65 -18.51
CA ALA C 349 -5.67 1.33 -18.33
C ALA C 349 -5.94 -0.15 -18.57
N VAL C 350 -5.28 -0.76 -19.57
CA VAL C 350 -5.47 -2.18 -19.80
C VAL C 350 -4.67 -3.00 -18.80
N LYS C 351 -3.51 -2.49 -18.37
CA LYS C 351 -2.72 -3.19 -17.36
C LYS C 351 -3.46 -3.25 -16.04
N ALA C 352 -4.13 -2.16 -15.66
CA ALA C 352 -4.93 -2.16 -14.44
C ALA C 352 -6.16 -3.04 -14.59
N THR C 353 -6.68 -3.18 -15.82
CA THR C 353 -7.83 -4.04 -16.04
C THR C 353 -7.45 -5.51 -16.01
N MET C 354 -6.32 -5.86 -16.63
CA MET C 354 -5.90 -7.25 -16.69
C MET C 354 -5.48 -7.80 -15.33
N ILE C 355 -4.99 -6.94 -14.42
CA ILE C 355 -4.61 -7.41 -13.10
C ILE C 355 -5.82 -7.49 -12.17
N LEU C 356 -6.92 -6.82 -12.49
CA LEU C 356 -8.13 -6.89 -11.71
C LEU C 356 -9.08 -8.00 -12.17
N VAL C 357 -8.73 -8.70 -13.26
CA VAL C 357 -9.54 -9.80 -13.77
C VAL C 357 -9.46 -11.00 -12.83
N PRO C 358 -8.26 -11.45 -12.41
CA PRO C 358 -8.23 -12.60 -11.49
C PRO C 358 -8.81 -12.30 -10.12
N LEU C 359 -8.59 -11.08 -9.61
CA LEU C 359 -9.06 -10.76 -8.26
C LEU C 359 -10.58 -10.68 -8.20
N LEU C 360 -11.20 -10.10 -9.22
CA LEU C 360 -12.64 -9.89 -9.23
C LEU C 360 -13.38 -10.96 -10.04
N GLY C 361 -12.67 -11.94 -10.58
CA GLY C 361 -13.30 -12.98 -11.38
C GLY C 361 -14.03 -12.45 -12.58
N ILE C 362 -13.39 -11.58 -13.36
CA ILE C 362 -14.02 -10.99 -14.53
C ILE C 362 -14.13 -11.98 -15.68
N GLN C 363 -13.25 -12.99 -15.73
CA GLN C 363 -13.33 -13.99 -16.80
C GLN C 363 -14.62 -14.78 -16.76
N PHE C 364 -15.33 -14.79 -15.63
CA PHE C 364 -16.62 -15.45 -15.54
C PHE C 364 -17.75 -14.61 -16.15
N VAL C 365 -17.49 -13.35 -16.46
CA VAL C 365 -18.51 -12.48 -17.03
C VAL C 365 -18.20 -12.10 -18.48
N VAL C 366 -16.92 -12.03 -18.87
CA VAL C 366 -16.59 -11.74 -20.26
C VAL C 366 -16.74 -12.98 -21.14
N PHE C 367 -16.65 -14.16 -20.52
CA PHE C 367 -16.91 -15.43 -21.24
C PHE C 367 -17.91 -16.25 -20.43
N PRO C 368 -19.16 -15.76 -20.22
CA PRO C 368 -20.13 -16.44 -19.36
C PRO C 368 -20.70 -17.78 -19.85
N TRP C 369 -20.96 -17.90 -21.15
CA TRP C 369 -21.63 -19.12 -21.68
C TRP C 369 -20.71 -19.83 -22.67
N ARG C 370 -20.72 -21.16 -22.64
CA ARG C 370 -19.93 -21.93 -23.63
C ARG C 370 -20.59 -21.81 -25.01
N PRO C 371 -19.87 -21.42 -26.10
CA PRO C 371 -20.46 -21.44 -27.44
C PRO C 371 -20.80 -22.85 -27.88
N SER C 372 -21.95 -22.98 -28.56
CA SER C 372 -22.39 -24.29 -29.02
C SER C 372 -21.52 -24.84 -30.15
N ASN C 373 -20.71 -23.99 -30.78
CA ASN C 373 -19.83 -24.45 -31.85
C ASN C 373 -18.78 -25.42 -31.29
N LYS C 374 -18.40 -26.38 -32.12
CA LYS C 374 -17.43 -27.39 -31.69
C LYS C 374 -16.02 -26.83 -31.59
N MET C 375 -15.62 -26.01 -32.56
CA MET C 375 -14.29 -25.42 -32.52
C MET C 375 -14.21 -24.25 -31.56
N LEU C 376 -15.27 -23.42 -31.51
CA LEU C 376 -15.29 -22.31 -30.57
C LEU C 376 -15.36 -22.80 -29.14
N GLY C 377 -16.19 -23.81 -28.87
CA GLY C 377 -16.26 -24.39 -27.54
C GLY C 377 -15.02 -25.16 -27.14
N LYS C 378 -14.23 -25.60 -28.12
CA LYS C 378 -12.99 -26.30 -27.80
C LYS C 378 -11.94 -25.33 -27.25
N ILE C 379 -11.76 -24.19 -27.91
CA ILE C 379 -10.83 -23.18 -27.40
C ILE C 379 -11.40 -22.52 -26.16
N TYR C 380 -12.73 -22.45 -26.04
CA TYR C 380 -13.35 -21.88 -24.85
C TYR C 380 -12.97 -22.67 -23.60
N ASP C 381 -12.84 -23.99 -23.73
CA ASP C 381 -12.46 -24.81 -22.59
C ASP C 381 -11.04 -24.49 -22.13
N TYR C 382 -10.09 -24.51 -23.07
CA TYR C 382 -8.70 -24.25 -22.71
C TYR C 382 -8.49 -22.82 -22.25
N VAL C 383 -9.34 -21.90 -22.68
CA VAL C 383 -9.22 -20.52 -22.23
C VAL C 383 -9.77 -20.38 -20.82
N MET C 384 -10.95 -20.93 -20.56
CA MET C 384 -11.58 -20.78 -19.25
C MET C 384 -10.86 -21.61 -18.19
N HIS C 385 -10.54 -22.87 -18.51
CA HIS C 385 -9.88 -23.73 -17.53
C HIS C 385 -8.50 -23.18 -17.16
N SER C 386 -7.82 -22.51 -18.09
CA SER C 386 -6.54 -21.89 -17.76
C SER C 386 -6.72 -20.60 -16.98
N LEU C 387 -7.87 -19.93 -17.12
CA LEU C 387 -8.10 -18.70 -16.37
C LEU C 387 -8.68 -18.97 -14.99
N ILE C 388 -9.37 -20.09 -14.80
CA ILE C 388 -10.00 -20.39 -13.52
C ILE C 388 -9.07 -21.22 -12.63
N HIS C 389 -8.50 -22.29 -13.18
CA HIS C 389 -7.63 -23.15 -12.38
C HIS C 389 -6.31 -22.48 -12.03
N PHE C 390 -5.87 -21.52 -12.83
CA PHE C 390 -4.68 -20.74 -12.53
C PHE C 390 -5.01 -19.38 -11.90
N GLN C 391 -6.28 -19.16 -11.54
CA GLN C 391 -6.66 -17.89 -10.95
C GLN C 391 -5.99 -17.68 -9.59
N GLY C 392 -5.96 -18.73 -8.76
CA GLY C 392 -5.26 -18.63 -7.49
C GLY C 392 -3.78 -18.34 -7.64
N PHE C 393 -3.18 -18.80 -8.74
CA PHE C 393 -1.79 -18.48 -9.03
C PHE C 393 -1.65 -17.06 -9.57
N PHE C 394 -2.69 -16.55 -10.25
CA PHE C 394 -2.60 -15.20 -10.81
C PHE C 394 -2.72 -14.15 -9.72
N VAL C 395 -3.63 -14.34 -8.77
CA VAL C 395 -3.79 -13.35 -7.70
C VAL C 395 -2.57 -13.36 -6.78
N ALA C 396 -1.95 -14.52 -6.57
CA ALA C 396 -0.77 -14.59 -5.73
C ALA C 396 0.43 -13.97 -6.41
N THR C 397 0.51 -14.09 -7.74
CA THR C 397 1.64 -13.53 -8.46
C THR C 397 1.51 -12.02 -8.60
N ILE C 398 0.30 -11.53 -8.88
CA ILE C 398 0.11 -10.11 -9.15
C ILE C 398 0.11 -9.30 -7.86
N TYR C 399 -0.77 -9.66 -6.92
CA TYR C 399 -1.00 -8.84 -5.74
C TYR C 399 -0.03 -9.12 -4.60
N CYS C 400 0.72 -10.22 -4.66
CA CYS C 400 1.70 -10.54 -3.63
C CYS C 400 3.12 -10.61 -4.17
N PHE C 401 3.33 -11.28 -5.31
CA PHE C 401 4.67 -11.43 -5.85
C PHE C 401 5.08 -10.19 -6.65
N CYS C 402 4.19 -9.71 -7.52
CA CYS C 402 4.49 -8.55 -8.35
C CYS C 402 4.23 -7.22 -7.63
N ASN C 403 3.59 -7.24 -6.46
CA ASN C 403 3.31 -6.01 -5.74
C ASN C 403 4.61 -5.38 -5.25
N ASN C 404 4.77 -4.08 -5.49
CA ASN C 404 6.00 -3.39 -5.14
C ASN C 404 6.18 -3.30 -3.64
N GLU C 405 5.10 -3.14 -2.87
CA GLU C 405 5.21 -3.05 -1.43
C GLU C 405 5.66 -4.36 -0.80
N VAL C 406 5.30 -5.49 -1.41
CA VAL C 406 5.69 -6.78 -0.87
C VAL C 406 7.12 -7.12 -1.26
N GLN C 407 7.55 -6.71 -2.46
CA GLN C 407 8.90 -7.02 -2.91
C GLN C 407 9.95 -6.33 -2.05
N THR C 408 9.69 -5.09 -1.65
CA THR C 408 10.63 -4.36 -0.81
C THR C 408 10.67 -4.92 0.60
N THR C 409 9.52 -5.39 1.10
CA THR C 409 9.46 -5.88 2.48
C THR C 409 10.25 -7.17 2.66
N VAL C 410 10.28 -8.03 1.64
CA VAL C 410 10.98 -9.30 1.77
C VAL C 410 12.45 -9.17 1.40
N LYS C 411 12.81 -8.19 0.56
CA LYS C 411 14.20 -7.98 0.20
C LYS C 411 14.98 -7.24 1.28
N ARG C 412 14.30 -6.63 2.25
CA ARG C 412 14.97 -6.03 3.40
C ARG C 412 15.10 -7.01 4.56
N GLN C 413 14.02 -7.76 4.84
CA GLN C 413 14.05 -8.78 5.87
C GLN C 413 14.74 -10.07 5.42
N ASP D 11 5.40 -14.24 45.78
CA ASP D 11 4.75 -14.39 44.48
C ASP D 11 4.67 -13.05 43.75
N GLN D 12 5.11 -13.04 42.49
CA GLN D 12 5.11 -11.83 41.68
C GLN D 12 4.12 -11.90 40.53
N ARG D 13 3.47 -13.04 40.31
CA ARG D 13 2.50 -13.17 39.22
C ARG D 13 1.22 -12.38 39.48
N ASN D 14 1.04 -11.84 40.68
CA ASN D 14 -0.14 -11.00 40.95
C ASN D 14 0.03 -9.60 40.40
N GLU D 15 1.27 -9.13 40.27
CA GLU D 15 1.53 -7.83 39.66
C GLU D 15 1.63 -7.91 38.14
N GLU D 16 1.95 -9.09 37.59
CA GLU D 16 2.01 -9.25 36.14
C GLU D 16 0.61 -9.32 35.54
N LYS D 17 -0.31 -10.03 36.20
CA LYS D 17 -1.69 -10.09 35.71
C LYS D 17 -2.35 -8.72 35.76
N ALA D 18 -1.97 -7.87 36.71
CA ALA D 18 -2.47 -6.50 36.72
C ALA D 18 -1.82 -5.66 35.63
N GLN D 19 -0.61 -6.04 35.21
CA GLN D 19 0.05 -5.33 34.13
C GLN D 19 -0.50 -5.74 32.76
N ARG D 20 -0.75 -7.04 32.57
CA ARG D 20 -1.27 -7.49 31.29
C ARG D 20 -2.71 -7.04 31.08
N GLU D 21 -3.46 -6.84 32.15
CA GLU D 21 -4.81 -6.29 32.02
C GLU D 21 -4.81 -4.78 31.87
N ALA D 22 -3.74 -4.11 32.34
CA ALA D 22 -3.60 -2.69 32.05
C ALA D 22 -3.30 -2.46 30.58
N ASN D 23 -2.49 -3.34 29.98
CA ASN D 23 -2.25 -3.27 28.54
C ASN D 23 -3.52 -3.53 27.75
N LYS D 24 -4.45 -4.31 28.31
CA LYS D 24 -5.73 -4.53 27.65
C LYS D 24 -6.52 -3.23 27.56
N LYS D 25 -6.53 -2.44 28.64
CA LYS D 25 -7.21 -1.16 28.61
C LYS D 25 -6.50 -0.17 27.70
N ILE D 26 -5.17 -0.25 27.62
CA ILE D 26 -4.40 0.66 26.78
C ILE D 26 -4.70 0.39 25.31
N GLU D 27 -4.64 -0.88 24.91
CA GLU D 27 -4.89 -1.22 23.51
C GLU D 27 -6.32 -0.93 23.10
N LYS D 28 -7.27 -1.03 24.04
CA LYS D 28 -8.64 -0.61 23.75
C LYS D 28 -8.71 0.89 23.51
N GLN D 29 -7.96 1.67 24.29
CA GLN D 29 -7.89 3.10 24.04
C GLN D 29 -7.12 3.40 22.76
N LEU D 30 -6.03 2.67 22.51
CA LEU D 30 -5.29 2.84 21.27
C LEU D 30 -6.11 2.44 20.05
N GLN D 31 -6.98 1.43 20.21
CA GLN D 31 -7.86 1.04 19.11
C GLN D 31 -8.92 2.11 18.85
N LYS D 32 -9.50 2.66 19.93
CA LYS D 32 -10.46 3.76 19.76
C LYS D 32 -9.77 5.01 19.24
N ASP D 33 -8.50 5.22 19.60
CA ASP D 33 -7.76 6.35 19.06
C ASP D 33 -7.22 6.08 17.67
N LYS D 34 -7.06 4.80 17.29
CA LYS D 34 -6.71 4.48 15.91
C LYS D 34 -7.84 4.84 14.95
N GLN D 35 -9.08 4.80 15.42
CA GLN D 35 -10.21 5.15 14.57
C GLN D 35 -10.23 6.65 14.29
N VAL D 36 -10.08 7.47 15.33
CA VAL D 36 -10.15 8.92 15.14
C VAL D 36 -8.91 9.44 14.43
N TYR D 37 -7.79 8.72 14.53
CA TYR D 37 -6.56 9.19 13.87
C TYR D 37 -6.63 8.98 12.37
N ARG D 38 -7.01 7.78 11.93
CA ARG D 38 -7.06 7.50 10.50
C ARG D 38 -8.22 8.22 9.83
N ALA D 39 -9.33 8.43 10.55
CA ALA D 39 -10.45 9.15 9.97
C ALA D 39 -10.12 10.62 9.78
N THR D 40 -9.36 11.20 10.71
CA THR D 40 -8.95 12.60 10.60
C THR D 40 -7.77 12.72 9.64
N HIS D 41 -7.85 13.70 8.74
CA HIS D 41 -6.82 13.94 7.73
C HIS D 41 -6.00 15.15 8.16
N ARG D 42 -4.71 14.93 8.40
CA ARG D 42 -3.82 16.00 8.83
C ARG D 42 -3.38 16.83 7.64
N LEU D 43 -3.49 18.15 7.77
CA LEU D 43 -3.14 19.08 6.71
C LEU D 43 -2.14 20.10 7.24
N LEU D 44 -1.18 20.47 6.39
CA LEU D 44 -0.15 21.44 6.73
C LEU D 44 -0.40 22.71 5.94
N LEU D 45 -0.85 23.77 6.62
CA LEU D 45 -1.04 25.08 6.00
C LEU D 45 0.28 25.83 6.09
N LEU D 46 1.06 25.79 5.00
CA LEU D 46 2.37 26.43 4.95
C LEU D 46 2.34 27.51 3.88
N GLY D 47 2.40 28.77 4.32
CA GLY D 47 2.42 29.89 3.40
C GLY D 47 3.83 30.30 3.03
N ALA D 48 3.91 31.38 2.25
CA ALA D 48 5.18 31.93 1.80
C ALA D 48 5.42 33.33 2.38
N GLY D 49 5.07 33.51 3.64
CA GLY D 49 5.23 34.80 4.28
C GLY D 49 3.94 35.57 4.37
N GLU D 50 3.87 36.72 3.71
CA GLU D 50 2.65 37.52 3.65
C GLU D 50 1.77 37.05 2.48
N SER D 51 1.48 35.76 2.49
CA SER D 51 0.68 35.14 1.42
C SER D 51 -0.81 35.14 1.73
N GLY D 52 -1.21 35.64 2.89
CA GLY D 52 -2.62 35.64 3.25
C GLY D 52 -3.16 34.32 3.73
N LYS D 53 -2.31 33.45 4.28
CA LYS D 53 -2.79 32.17 4.80
C LYS D 53 -3.63 32.34 6.07
N ASN D 54 -3.54 33.49 6.73
CA ASN D 54 -4.38 33.73 7.90
C ASN D 54 -5.84 33.89 7.51
N THR D 55 -6.10 34.48 6.34
CA THR D 55 -7.47 34.68 5.89
C THR D 55 -8.12 33.39 5.41
N ILE D 56 -7.33 32.42 4.97
CA ILE D 56 -7.90 31.15 4.50
C ILE D 56 -8.55 30.39 5.65
N VAL D 57 -7.99 30.51 6.86
CA VAL D 57 -8.56 29.80 8.00
C VAL D 57 -9.92 30.39 8.36
N LYS D 58 -10.10 31.69 8.22
CA LYS D 58 -11.36 32.34 8.57
C LYS D 58 -12.29 32.43 7.36
N THR D 204 2.32 33.48 18.06
CA THR D 204 2.30 33.29 19.51
C THR D 204 2.55 31.82 19.85
N SER D 205 1.55 30.99 19.62
CA SER D 205 1.69 29.56 19.90
C SER D 205 2.61 28.91 18.87
N GLY D 206 3.20 27.78 19.27
CA GLY D 206 4.13 27.09 18.38
C GLY D 206 3.47 26.60 17.11
N ILE D 207 2.25 26.09 17.22
CA ILE D 207 1.50 25.60 16.06
C ILE D 207 0.02 25.78 16.34
N PHE D 208 -0.74 26.15 15.31
CA PHE D 208 -2.17 26.42 15.42
C PHE D 208 -2.92 25.25 14.80
N GLU D 209 -3.54 24.42 15.65
CA GLU D 209 -4.32 23.28 15.18
C GLU D 209 -5.73 23.74 14.85
N THR D 210 -6.14 23.57 13.61
CA THR D 210 -7.46 23.99 13.13
C THR D 210 -8.29 22.74 12.81
N LYS D 211 -9.51 22.69 13.32
CA LYS D 211 -10.42 21.58 13.13
C LYS D 211 -11.61 22.02 12.29
N PHE D 212 -11.92 21.24 11.26
CA PHE D 212 -13.07 21.50 10.41
C PHE D 212 -13.42 20.24 9.65
N GLN D 213 -14.73 19.96 9.54
CA GLN D 213 -15.22 18.77 8.86
C GLN D 213 -16.04 19.15 7.64
N VAL D 214 -15.87 18.40 6.56
CA VAL D 214 -16.61 18.60 5.32
C VAL D 214 -17.17 17.26 4.88
N ASP D 215 -18.49 17.20 4.67
CA ASP D 215 -19.18 15.98 4.26
C ASP D 215 -18.92 14.84 5.24
N LYS D 216 -19.02 15.16 6.54
CA LYS D 216 -18.78 14.23 7.64
C LYS D 216 -17.36 13.66 7.62
N VAL D 217 -16.42 14.36 7.00
CA VAL D 217 -15.01 14.00 7.02
C VAL D 217 -14.24 15.09 7.75
N ASN D 218 -13.67 14.74 8.90
CA ASN D 218 -12.96 15.70 9.74
C ASN D 218 -11.55 15.92 9.22
N PHE D 219 -11.16 17.18 9.07
CA PHE D 219 -9.82 17.55 8.66
C PHE D 219 -9.13 18.33 9.77
N HIS D 220 -7.81 18.16 9.87
CA HIS D 220 -7.01 18.80 10.90
C HIS D 220 -5.90 19.60 10.21
N MET D 221 -6.17 20.88 9.98
CA MET D 221 -5.19 21.77 9.37
C MET D 221 -4.28 22.35 10.43
N PHE D 222 -2.98 22.35 10.17
CA PHE D 222 -1.97 22.82 11.11
C PHE D 222 -1.21 23.99 10.51
N ASP D 223 -1.22 25.11 11.22
CA ASP D 223 -0.50 26.32 10.82
C ASP D 223 0.65 26.56 11.78
N VAL D 224 1.87 26.49 11.26
CA VAL D 224 3.07 26.70 12.07
C VAL D 224 3.21 28.20 12.32
N GLY D 225 2.83 28.65 13.51
CA GLY D 225 2.82 30.06 13.82
C GLY D 225 4.15 30.63 14.27
N ALA D 226 4.71 30.08 15.36
CA ALA D 226 5.92 30.62 15.96
C ALA D 226 7.18 29.89 15.52
N GLN D 227 7.15 29.24 14.36
CA GLN D 227 8.32 28.55 13.84
C GLN D 227 9.16 29.49 12.99
N ARG D 228 10.48 29.35 13.09
CA ARG D 228 11.39 30.19 12.33
C ARG D 228 11.32 29.85 10.84
N ASP D 229 11.92 30.72 10.03
CA ASP D 229 11.93 30.52 8.59
C ASP D 229 12.83 29.37 8.16
N GLU D 230 13.61 28.80 9.06
CA GLU D 230 14.44 27.64 8.76
C GLU D 230 13.59 26.39 8.91
N ARG D 231 13.08 25.89 7.79
CA ARG D 231 12.10 24.82 7.77
C ARG D 231 12.68 23.45 7.47
N ARG D 232 14.00 23.35 7.23
CA ARG D 232 14.57 22.10 6.75
C ARG D 232 14.47 20.96 7.76
N LYS D 233 14.12 21.24 9.01
CA LYS D 233 14.06 20.21 10.04
C LYS D 233 12.65 19.86 10.47
N TRP D 234 11.82 20.86 10.78
CA TRP D 234 10.47 20.57 11.23
C TRP D 234 9.52 20.27 10.08
N ILE D 235 9.96 20.41 8.83
CA ILE D 235 9.12 19.99 7.71
C ILE D 235 9.11 18.47 7.56
N GLN D 236 10.07 17.78 8.15
CA GLN D 236 10.08 16.33 8.12
C GLN D 236 8.98 15.73 8.99
N CYS D 237 8.46 16.51 9.95
CA CYS D 237 7.37 16.02 10.79
C CYS D 237 6.07 15.86 10.02
N PHE D 238 5.95 16.48 8.85
CA PHE D 238 4.72 16.44 8.05
C PHE D 238 4.83 15.47 6.89
N ASN D 239 5.51 14.34 7.10
CA ASN D 239 5.56 13.32 6.07
C ASN D 239 4.26 12.54 5.98
N ASP D 240 3.60 12.33 7.12
CA ASP D 240 2.39 11.52 7.19
C ASP D 240 1.11 12.34 7.01
N VAL D 241 1.21 13.57 6.51
CA VAL D 241 0.03 14.39 6.31
C VAL D 241 -0.60 14.07 4.95
N THR D 242 -1.90 14.36 4.85
CA THR D 242 -2.61 14.12 3.59
C THR D 242 -2.11 15.07 2.51
N ALA D 243 -2.00 16.35 2.83
CA ALA D 243 -1.56 17.34 1.86
C ALA D 243 -0.95 18.53 2.58
N ILE D 244 -0.14 19.29 1.85
CA ILE D 244 0.47 20.52 2.34
C ILE D 244 -0.20 21.68 1.61
N ILE D 245 -0.99 22.46 2.34
CA ILE D 245 -1.67 23.61 1.75
C ILE D 245 -0.66 24.73 1.55
N PHE D 246 -0.17 24.88 0.33
CA PHE D 246 0.84 25.88 0.00
C PHE D 246 0.14 27.15 -0.48
N VAL D 247 0.15 28.18 0.36
CA VAL D 247 -0.48 29.45 0.05
C VAL D 247 0.57 30.38 -0.55
N VAL D 248 0.29 30.92 -1.73
CA VAL D 248 1.21 31.77 -2.45
C VAL D 248 0.62 33.17 -2.52
N ALA D 249 1.47 34.19 -2.31
CA ALA D 249 1.01 35.56 -2.42
C ALA D 249 0.53 35.88 -3.84
N SER D 250 1.19 35.30 -4.84
CA SER D 250 0.82 35.45 -6.25
C SER D 250 0.85 36.90 -6.72
N SER D 251 1.51 37.78 -5.99
CA SER D 251 1.61 39.19 -6.37
C SER D 251 2.94 39.77 -5.92
N GLN D 262 8.81 44.95 -2.83
CA GLN D 262 10.25 44.92 -2.67
C GLN D 262 10.84 43.59 -3.11
N THR D 263 10.93 42.65 -2.18
CA THR D 263 11.49 41.34 -2.48
C THR D 263 10.55 40.55 -3.39
N ASN D 264 11.14 39.74 -4.26
CA ASN D 264 10.35 38.90 -5.17
C ASN D 264 9.75 37.73 -4.39
N ARG D 265 8.57 37.94 -3.81
CA ARG D 265 7.94 36.90 -3.01
C ARG D 265 7.56 35.69 -3.83
N LEU D 266 7.23 35.89 -5.12
CA LEU D 266 6.84 34.76 -5.96
C LEU D 266 8.01 33.81 -6.18
N GLN D 267 9.21 34.35 -6.39
CA GLN D 267 10.39 33.49 -6.55
C GLN D 267 10.75 32.79 -5.25
N ALA D 268 10.51 33.44 -4.10
CA ALA D 268 10.74 32.78 -2.82
C ALA D 268 9.76 31.65 -2.62
N ALA D 269 8.52 31.80 -3.09
CA ALA D 269 7.55 30.71 -3.03
C ALA D 269 7.90 29.60 -4.02
N LEU D 270 8.45 29.98 -5.18
CA LEU D 270 8.88 28.98 -6.15
C LEU D 270 10.05 28.16 -5.62
N LYS D 271 10.97 28.80 -4.91
CA LYS D 271 12.09 28.07 -4.32
C LYS D 271 11.66 27.28 -3.10
N LEU D 272 10.68 27.78 -2.34
CA LEU D 272 10.15 27.01 -1.22
C LEU D 272 9.37 25.80 -1.71
N PHE D 273 8.57 25.98 -2.77
CA PHE D 273 7.87 24.84 -3.36
C PHE D 273 8.83 23.86 -4.00
N ASP D 274 9.95 24.35 -4.56
CA ASP D 274 10.94 23.46 -5.16
C ASP D 274 11.61 22.58 -4.10
N SER D 275 11.96 23.17 -2.96
CA SER D 275 12.57 22.39 -1.89
C SER D 275 11.58 21.43 -1.25
N ILE D 276 10.31 21.84 -1.16
CA ILE D 276 9.28 20.96 -0.60
C ILE D 276 8.98 19.81 -1.55
N TRP D 277 8.88 20.11 -2.85
CA TRP D 277 8.55 19.07 -3.82
C TRP D 277 9.68 18.05 -3.95
N ASN D 278 10.92 18.51 -3.90
CA ASN D 278 12.08 17.65 -4.09
C ASN D 278 12.66 17.16 -2.77
N ASN D 279 11.97 17.37 -1.65
CA ASN D 279 12.44 16.87 -0.37
C ASN D 279 12.30 15.35 -0.30
N LYS D 280 13.34 14.67 0.18
CA LYS D 280 13.33 13.22 0.21
C LYS D 280 12.25 12.66 1.13
N TRP D 281 11.79 13.44 2.11
CA TRP D 281 10.73 13.02 3.01
C TRP D 281 9.35 13.54 2.59
N LEU D 282 9.27 14.36 1.54
CA LEU D 282 8.01 14.83 1.01
C LEU D 282 7.76 14.33 -0.40
N ARG D 283 8.42 13.24 -0.80
CA ARG D 283 8.21 12.69 -2.13
C ARG D 283 6.83 12.07 -2.27
N ASP D 284 6.24 11.63 -1.17
CA ASP D 284 4.91 11.02 -1.19
C ASP D 284 3.81 11.95 -0.72
N THR D 285 4.15 13.14 -0.25
CA THR D 285 3.16 14.09 0.26
C THR D 285 2.75 15.04 -0.86
N SER D 286 1.48 14.99 -1.23
CA SER D 286 0.96 15.89 -2.24
C SER D 286 0.85 17.31 -1.68
N VAL D 287 0.78 18.28 -2.59
CA VAL D 287 0.73 19.69 -2.25
C VAL D 287 -0.48 20.31 -2.91
N ILE D 288 -1.38 20.88 -2.10
CA ILE D 288 -2.53 21.61 -2.61
C ILE D 288 -2.09 23.06 -2.75
N LEU D 289 -1.58 23.41 -3.93
CA LEU D 289 -1.09 24.76 -4.17
C LEU D 289 -2.26 25.73 -4.22
N PHE D 290 -2.20 26.78 -3.40
CA PHE D 290 -3.23 27.81 -3.34
C PHE D 290 -2.60 29.15 -3.71
N LEU D 291 -2.74 29.53 -4.97
CA LEU D 291 -2.30 30.85 -5.43
C LEU D 291 -3.28 31.88 -4.90
N ASN D 292 -2.98 32.44 -3.74
CA ASN D 292 -3.90 33.32 -3.04
C ASN D 292 -3.78 34.76 -3.51
N LYS D 293 -4.78 35.56 -3.13
CA LYS D 293 -4.80 36.99 -3.40
C LYS D 293 -4.76 37.28 -4.91
N GLN D 294 -5.73 36.72 -5.62
CA GLN D 294 -5.93 37.08 -7.02
C GLN D 294 -6.63 38.42 -7.18
N ASP D 295 -7.25 38.93 -6.11
CA ASP D 295 -7.82 40.27 -6.16
C ASP D 295 -6.73 41.33 -6.23
N LEU D 296 -5.69 41.17 -5.41
CA LEU D 296 -4.56 42.10 -5.47
C LEU D 296 -3.81 41.97 -6.78
N LEU D 297 -3.69 40.75 -7.32
CA LEU D 297 -3.05 40.56 -8.61
C LEU D 297 -3.88 41.13 -9.75
N ALA D 298 -5.20 41.26 -9.55
CA ALA D 298 -6.08 41.72 -10.61
C ALA D 298 -5.82 43.17 -11.01
N GLU D 299 -5.26 43.99 -10.11
CA GLU D 299 -4.92 45.37 -10.43
C GLU D 299 -3.42 45.58 -10.62
N LYS D 300 -2.60 44.58 -10.31
CA LYS D 300 -1.17 44.68 -10.55
C LYS D 300 -0.79 44.43 -12.01
N VAL D 301 -1.71 43.88 -12.81
CA VAL D 301 -1.45 43.63 -14.22
C VAL D 301 -2.24 44.57 -15.14
N LEU D 302 -3.41 45.04 -14.72
CA LEU D 302 -4.25 45.87 -15.57
C LEU D 302 -4.08 47.36 -15.31
N ALA D 303 -3.18 47.76 -14.42
CA ALA D 303 -2.96 49.17 -14.11
C ALA D 303 -1.49 49.52 -14.20
N GLY D 304 -0.78 48.93 -15.16
CA GLY D 304 0.66 49.12 -15.20
C GLY D 304 1.30 48.42 -14.01
N LYS D 305 2.39 49.02 -13.54
CA LYS D 305 3.10 48.53 -12.36
C LYS D 305 3.54 47.07 -12.56
N SER D 306 4.36 46.86 -13.58
CA SER D 306 4.80 45.52 -13.95
C SER D 306 5.57 44.87 -12.80
N LYS D 307 5.01 43.77 -12.27
CA LYS D 307 5.64 43.02 -11.20
C LYS D 307 5.85 41.55 -11.55
N ILE D 308 5.40 41.11 -12.72
CA ILE D 308 5.51 39.71 -13.13
C ILE D 308 6.43 39.61 -14.33
N GLU D 309 6.51 40.67 -15.13
CA GLU D 309 7.35 40.65 -16.32
C GLU D 309 8.80 40.98 -15.99
N ASP D 310 9.02 42.00 -15.15
CA ASP D 310 10.38 42.33 -14.75
C ASP D 310 10.98 41.25 -13.86
N TYR D 311 10.15 40.56 -13.09
CA TYR D 311 10.62 39.48 -12.23
C TYR D 311 10.70 38.15 -12.97
N PHE D 312 10.12 38.05 -14.17
CA PHE D 312 10.17 36.83 -14.97
C PHE D 312 10.21 37.21 -16.44
N PRO D 313 11.39 37.12 -17.08
CA PRO D 313 11.48 37.50 -18.50
C PRO D 313 10.80 36.53 -19.43
N GLU D 314 10.67 35.26 -19.05
CA GLU D 314 9.96 34.29 -19.88
C GLU D 314 8.46 34.52 -19.93
N PHE D 315 7.94 35.47 -19.15
CA PHE D 315 6.51 35.77 -19.22
C PHE D 315 6.16 36.52 -20.50
N ALA D 316 7.11 37.25 -21.07
CA ALA D 316 6.85 37.93 -22.33
C ALA D 316 6.64 36.93 -23.46
N ARG D 317 7.45 35.89 -23.52
CA ARG D 317 7.29 34.82 -24.51
C ARG D 317 6.41 33.70 -23.96
N TYR D 318 5.23 34.08 -23.46
CA TYR D 318 4.29 33.13 -22.88
C TYR D 318 2.88 33.57 -23.22
N THR D 319 2.07 32.63 -23.72
CA THR D 319 0.69 32.89 -24.07
C THR D 319 -0.24 32.04 -23.22
N THR D 320 -1.44 32.57 -22.98
CA THR D 320 -2.42 31.83 -22.21
C THR D 320 -2.81 30.55 -22.94
N PRO D 321 -2.83 29.40 -22.26
CA PRO D 321 -3.25 28.16 -22.92
C PRO D 321 -4.67 28.29 -23.46
N GLU D 322 -4.87 27.80 -24.68
CA GLU D 322 -6.17 27.90 -25.32
C GLU D 322 -7.22 27.06 -24.59
N ASP D 323 -6.80 25.99 -23.93
CA ASP D 323 -7.72 25.15 -23.17
C ASP D 323 -7.96 25.66 -21.76
N ALA D 324 -7.23 26.69 -21.33
CA ALA D 324 -7.44 27.25 -20.00
C ALA D 324 -8.79 27.94 -19.92
N THR D 325 -9.44 27.82 -18.76
CA THR D 325 -10.76 28.38 -18.55
C THR D 325 -10.67 29.60 -17.63
N PRO D 326 -10.74 30.81 -18.17
CA PRO D 326 -10.71 31.99 -17.30
C PRO D 326 -12.05 32.25 -16.65
N GLU D 327 -12.06 33.23 -15.74
CA GLU D 327 -13.28 33.59 -15.04
C GLU D 327 -14.14 34.51 -15.90
N PRO D 328 -15.46 34.49 -15.71
CA PRO D 328 -16.33 35.39 -16.48
C PRO D 328 -16.03 36.84 -16.16
N GLY D 329 -15.73 37.61 -17.22
CA GLY D 329 -15.36 39.00 -17.05
C GLY D 329 -13.98 39.19 -16.48
N GLU D 330 -13.00 38.55 -17.11
CA GLU D 330 -11.60 38.61 -16.67
C GLU D 330 -10.72 38.90 -17.88
N ASP D 331 -9.92 39.96 -17.79
CA ASP D 331 -9.06 40.35 -18.88
C ASP D 331 -7.99 39.28 -19.12
N PRO D 332 -7.58 39.09 -20.38
CA PRO D 332 -6.52 38.10 -20.66
C PRO D 332 -5.17 38.47 -20.08
N ARG D 333 -4.95 39.74 -19.74
CA ARG D 333 -3.66 40.15 -19.19
C ARG D 333 -3.41 39.53 -17.82
N VAL D 334 -4.47 39.44 -16.99
CA VAL D 334 -4.33 38.78 -15.70
C VAL D 334 -4.35 37.27 -15.87
N THR D 335 -5.25 36.76 -16.73
CA THR D 335 -5.33 35.32 -16.96
C THR D 335 -4.00 34.77 -17.48
N ARG D 336 -3.29 35.56 -18.30
CA ARG D 336 -1.95 35.16 -18.73
C ARG D 336 -0.99 35.13 -17.55
N ALA D 337 -1.05 36.14 -16.69
CA ALA D 337 -0.21 36.16 -15.49
C ALA D 337 -0.69 35.18 -14.45
N LYS D 338 -2.01 34.95 -14.36
CA LYS D 338 -2.53 34.01 -13.38
C LYS D 338 -2.10 32.59 -13.70
N TYR D 339 -2.11 32.21 -14.98
CA TYR D 339 -1.71 30.87 -15.37
C TYR D 339 -0.19 30.73 -15.49
N PHE D 340 0.53 31.82 -15.74
CA PHE D 340 1.99 31.76 -15.75
C PHE D 340 2.53 31.43 -14.38
N ILE D 341 1.94 32.00 -13.33
CA ILE D 341 2.32 31.65 -11.97
C ILE D 341 1.99 30.18 -11.70
N ARG D 342 0.84 29.71 -12.20
CA ARG D 342 0.51 28.30 -12.07
C ARG D 342 1.49 27.43 -12.84
N ASP D 343 1.87 27.86 -14.04
CA ASP D 343 2.82 27.08 -14.83
C ASP D 343 4.21 27.11 -14.22
N GLU D 344 4.55 28.17 -13.47
CA GLU D 344 5.87 28.22 -12.84
C GLU D 344 5.99 27.18 -11.74
N PHE D 345 4.92 26.96 -10.98
CA PHE D 345 4.94 25.91 -9.95
C PHE D 345 4.78 24.53 -10.55
N LEU D 346 4.10 24.41 -11.70
CA LEU D 346 3.95 23.11 -12.35
C LEU D 346 5.24 22.63 -13.01
N ARG D 347 6.13 23.55 -13.40
CA ARG D 347 7.41 23.13 -13.97
C ARG D 347 8.24 22.35 -12.95
N ILE D 348 7.99 22.57 -11.67
CA ILE D 348 8.64 21.77 -10.63
C ILE D 348 7.88 20.48 -10.36
N SER D 349 6.56 20.49 -10.54
CA SER D 349 5.76 19.30 -10.26
C SER D 349 5.86 18.27 -11.37
N THR D 350 5.86 18.71 -12.64
CA THR D 350 5.97 17.79 -13.75
C THR D 350 7.38 17.24 -13.93
N ALA D 351 8.35 17.69 -13.13
CA ALA D 351 9.72 17.21 -13.21
C ALA D 351 10.04 16.17 -12.15
N SER D 352 9.54 16.34 -10.92
CA SER D 352 9.84 15.42 -9.82
C SER D 352 8.60 14.71 -9.29
N GLY D 353 7.60 14.50 -10.15
CA GLY D 353 6.40 13.79 -9.73
C GLY D 353 6.64 12.33 -9.45
N ASP D 354 7.14 11.60 -10.43
CA ASP D 354 7.48 10.18 -10.30
C ASP D 354 6.28 9.32 -9.91
N GLY D 355 5.07 9.80 -10.13
CA GLY D 355 3.88 9.04 -9.79
C GLY D 355 3.71 8.78 -8.31
N ARG D 356 4.29 9.63 -7.46
CA ARG D 356 4.18 9.49 -6.02
C ARG D 356 3.34 10.55 -5.36
N HIS D 357 3.53 11.82 -5.73
CA HIS D 357 2.73 12.92 -5.24
C HIS D 357 2.40 13.86 -6.39
N TYR D 358 1.25 14.51 -6.30
CA TYR D 358 0.75 15.37 -7.37
C TYR D 358 0.39 16.74 -6.79
N CYS D 359 0.69 17.78 -7.56
CA CYS D 359 0.37 19.15 -7.16
C CYS D 359 -1.02 19.51 -7.67
N TYR D 360 -1.80 20.17 -6.81
CA TYR D 360 -3.17 20.57 -7.12
C TYR D 360 -3.27 22.09 -7.03
N PRO D 361 -2.88 22.80 -8.08
CA PRO D 361 -2.93 24.27 -8.03
C PRO D 361 -4.34 24.79 -8.16
N HIS D 362 -4.61 25.88 -7.44
CA HIS D 362 -5.90 26.56 -7.48
C HIS D 362 -5.68 28.06 -7.43
N PHE D 363 -6.72 28.81 -7.74
CA PHE D 363 -6.69 30.28 -7.74
C PHE D 363 -7.62 30.76 -6.62
N THR D 364 -7.08 30.86 -5.42
CA THR D 364 -7.82 31.38 -4.28
C THR D 364 -7.59 32.88 -4.15
N CYS D 365 -8.49 33.54 -3.42
CA CYS D 365 -8.45 34.98 -3.30
C CYS D 365 -8.59 35.47 -1.86
N SER D 366 -8.55 34.56 -0.88
CA SER D 366 -8.75 34.89 0.54
C SER D 366 -10.14 35.45 0.80
N VAL D 367 -10.97 35.49 -0.24
CA VAL D 367 -12.36 35.94 -0.13
C VAL D 367 -13.34 34.88 -0.58
N ASP D 368 -12.87 33.81 -1.23
CA ASP D 368 -13.73 32.73 -1.66
C ASP D 368 -14.32 32.00 -0.46
N THR D 369 -15.39 31.26 -0.72
CA THR D 369 -16.02 30.43 0.30
C THR D 369 -15.86 28.94 0.01
N GLU D 370 -15.21 28.59 -1.09
CA GLU D 370 -15.03 27.19 -1.49
C GLU D 370 -13.57 26.74 -1.36
N ASN D 371 -12.71 27.52 -0.72
CA ASN D 371 -11.33 27.09 -0.52
C ASN D 371 -11.27 25.84 0.33
N ILE D 372 -12.14 25.75 1.35
CA ILE D 372 -12.21 24.52 2.14
C ILE D 372 -12.79 23.38 1.31
N ARG D 373 -13.78 23.67 0.48
CA ARG D 373 -14.32 22.66 -0.43
C ARG D 373 -13.28 22.20 -1.44
N ARG D 374 -12.41 23.10 -1.89
CA ARG D 374 -11.35 22.71 -2.80
C ARG D 374 -10.38 21.74 -2.14
N VAL D 375 -10.04 21.98 -0.87
CA VAL D 375 -9.16 21.07 -0.14
C VAL D 375 -9.84 19.71 0.03
N PHE D 376 -11.14 19.71 0.29
CA PHE D 376 -11.87 18.45 0.44
C PHE D 376 -11.86 17.65 -0.85
N ASN D 377 -12.12 18.33 -1.98
CA ASN D 377 -12.10 17.63 -3.27
C ASN D 377 -10.71 17.21 -3.66
N ASP D 378 -9.69 18.02 -3.31
CA ASP D 378 -8.32 17.66 -3.64
C ASP D 378 -7.79 16.54 -2.76
N CYS D 379 -8.14 16.56 -1.46
CA CYS D 379 -7.78 15.45 -0.60
C CYS D 379 -8.48 14.16 -1.01
N ARG D 380 -9.62 14.25 -1.68
CA ARG D 380 -10.28 13.05 -2.20
C ARG D 380 -9.45 12.40 -3.29
N ASP D 381 -8.79 13.20 -4.14
CA ASP D 381 -7.95 12.64 -5.17
C ASP D 381 -6.66 12.05 -4.61
N ILE D 382 -6.13 12.64 -3.53
CA ILE D 382 -4.90 12.13 -2.93
C ILE D 382 -5.15 10.77 -2.30
N ILE D 383 -6.22 10.64 -1.51
CA ILE D 383 -6.55 9.35 -0.92
C ILE D 383 -6.95 8.35 -1.99
N GLN D 384 -7.60 8.82 -3.05
CA GLN D 384 -7.93 7.95 -4.17
C GLN D 384 -6.68 7.46 -4.87
N ARG D 385 -5.76 8.36 -5.18
CA ARG D 385 -4.51 7.96 -5.82
C ARG D 385 -3.60 7.17 -4.88
N MET D 386 -3.73 7.36 -3.58
CA MET D 386 -2.99 6.54 -2.63
C MET D 386 -3.54 5.12 -2.57
N HIS D 387 -4.86 4.98 -2.65
CA HIS D 387 -5.47 3.65 -2.69
C HIS D 387 -5.27 3.01 -4.05
N LEU D 388 -5.23 3.82 -5.12
CA LEU D 388 -4.97 3.29 -6.45
C LEU D 388 -3.56 2.73 -6.57
N ARG D 389 -2.63 3.23 -5.73
CA ARG D 389 -1.27 2.72 -5.72
C ARG D 389 -1.09 1.55 -4.78
N GLN D 390 -1.98 1.37 -3.82
CA GLN D 390 -1.92 0.19 -2.95
C GLN D 390 -2.19 -1.08 -3.73
N TYR D 391 -3.07 -1.00 -4.72
CA TYR D 391 -3.36 -2.13 -5.61
C TYR D 391 -2.47 -2.12 -6.85
N GLU D 392 -1.52 -1.20 -6.94
CA GLU D 392 -0.63 -1.07 -8.09
C GLU D 392 -1.42 -0.86 -9.38
N LEU D 393 -2.46 -0.03 -9.30
CA LEU D 393 -3.28 0.30 -10.46
C LEU D 393 -2.73 1.51 -11.21
N LEU D 394 -2.30 2.53 -10.48
CA LEU D 394 -1.69 3.71 -11.09
C LEU D 394 -0.19 3.74 -10.83
N SER E 12 34.99 50.35 7.62
CA SER E 12 33.98 49.55 8.31
C SER E 12 34.51 49.05 9.65
N GLU E 13 33.71 49.21 10.70
CA GLU E 13 34.09 48.76 12.03
C GLU E 13 33.76 47.29 12.25
N LEU E 14 32.62 46.82 11.71
CA LEU E 14 32.26 45.42 11.86
C LEU E 14 33.26 44.51 11.18
N ASP E 15 33.77 44.92 10.01
CA ASP E 15 34.82 44.15 9.36
C ASP E 15 36.11 44.19 10.16
N GLN E 16 36.38 45.29 10.87
CA GLN E 16 37.51 45.35 11.77
C GLN E 16 37.27 44.57 13.06
N LEU E 17 36.02 44.18 13.33
CA LEU E 17 35.71 43.31 14.46
C LEU E 17 35.89 41.84 14.10
N ARG E 18 35.52 41.46 12.88
CA ARG E 18 35.80 40.11 12.39
C ARG E 18 37.29 39.87 12.18
N GLN E 19 38.10 40.92 12.18
CA GLN E 19 39.55 40.74 12.08
C GLN E 19 40.09 39.94 13.25
N GLU E 20 39.55 40.18 14.45
CA GLU E 20 39.94 39.41 15.61
C GLU E 20 39.24 38.06 15.67
N ALA E 21 38.03 37.97 15.13
CA ALA E 21 37.29 36.71 15.15
C ALA E 21 37.97 35.67 14.28
N GLU E 22 38.33 36.04 13.04
CA GLU E 22 39.05 35.12 12.17
C GLU E 22 40.46 34.86 12.67
N GLN E 23 41.07 35.85 13.35
CA GLN E 23 42.36 35.63 13.97
C GLN E 23 42.25 34.67 15.14
N LEU E 24 41.13 34.71 15.86
CA LEU E 24 40.90 33.75 16.95
C LEU E 24 40.54 32.38 16.39
N LYS E 25 39.82 32.34 15.26
CA LYS E 25 39.52 31.06 14.62
C LYS E 25 40.79 30.39 14.13
N ASN E 26 41.65 31.14 13.43
CA ASN E 26 42.92 30.58 12.98
C ASN E 26 43.83 30.23 14.16
N GLN E 27 43.69 30.96 15.27
CA GLN E 27 44.43 30.61 16.47
C GLN E 27 43.92 29.31 17.06
N ILE E 28 42.60 29.11 17.05
CA ILE E 28 42.02 27.84 17.49
C ILE E 28 42.41 26.72 16.53
N ARG E 29 42.36 27.00 15.22
CA ARG E 29 42.80 26.01 14.23
C ARG E 29 44.28 25.69 14.36
N ASP E 30 45.08 26.59 14.90
CA ASP E 30 46.49 26.32 15.16
C ASP E 30 46.73 25.73 16.53
N ALA E 31 45.93 26.13 17.53
CA ALA E 31 46.05 25.52 18.85
C ALA E 31 45.63 24.04 18.82
N ARG E 32 44.56 23.73 18.09
CA ARG E 32 44.13 22.35 17.92
C ARG E 32 45.13 21.55 17.08
N LYS E 33 45.90 22.22 16.24
CA LYS E 33 46.91 21.51 15.44
C LYS E 33 48.06 21.00 16.29
N ALA E 34 48.40 21.73 17.36
CA ALA E 34 49.47 21.27 18.25
C ALA E 34 49.05 20.04 19.02
N CYS E 35 47.80 19.98 19.47
CA CYS E 35 47.31 18.80 20.17
C CYS E 35 47.08 17.62 19.23
N ALA E 36 46.94 17.88 17.93
CA ALA E 36 46.73 16.82 16.94
C ALA E 36 48.05 16.15 16.57
N ASP E 37 48.69 15.57 17.59
CA ASP E 37 49.95 14.87 17.39
C ASP E 37 49.77 13.47 16.83
N ALA E 38 48.55 12.93 16.87
CA ALA E 38 48.25 11.61 16.35
C ALA E 38 46.75 11.54 16.06
N THR E 39 46.27 10.36 15.68
CA THR E 39 44.87 10.12 15.40
C THR E 39 44.39 8.93 16.20
N LEU E 40 43.07 8.84 16.39
CA LEU E 40 42.50 7.71 17.13
C LEU E 40 42.78 6.39 16.42
N SER E 41 42.84 6.41 15.09
CA SER E 41 43.20 5.21 14.35
C SER E 41 44.67 4.86 14.54
N GLN E 42 45.53 5.88 14.73
CA GLN E 42 46.95 5.61 14.94
C GLN E 42 47.19 4.93 16.29
N ILE E 43 46.40 5.28 17.30
CA ILE E 43 46.55 4.63 18.60
C ILE E 43 45.82 3.30 18.67
N THR E 44 44.76 3.12 17.87
CA THR E 44 43.97 1.89 17.86
C THR E 44 44.23 1.04 16.62
N ASN E 45 45.40 1.18 16.00
CA ASN E 45 45.74 0.38 14.83
C ASN E 45 46.15 -1.04 15.19
N ASN E 46 46.57 -1.27 16.43
CA ASN E 46 47.01 -2.59 16.86
C ASN E 46 46.01 -3.30 17.75
N ILE E 47 44.92 -2.63 18.15
CA ILE E 47 43.94 -3.26 19.03
C ILE E 47 43.16 -4.32 18.27
N ASP E 48 42.53 -5.21 19.03
CA ASP E 48 41.77 -6.30 18.45
C ASP E 48 40.41 -5.80 17.97
N PRO E 49 40.09 -5.94 16.68
CA PRO E 49 38.75 -5.52 16.22
C PRO E 49 37.66 -6.36 16.87
N VAL E 50 36.49 -5.73 17.06
CA VAL E 50 35.39 -6.39 17.73
C VAL E 50 34.69 -7.42 16.85
N GLY E 51 34.97 -7.44 15.56
CA GLY E 51 34.34 -8.39 14.67
C GLY E 51 32.90 -8.02 14.37
N ARG E 52 32.22 -8.96 13.70
CA ARG E 52 30.83 -8.75 13.32
C ARG E 52 29.94 -8.77 14.56
N ILE E 53 29.29 -7.64 14.84
CA ILE E 53 28.37 -7.51 15.96
C ILE E 53 26.95 -7.65 15.40
N GLN E 54 26.40 -8.85 15.45
CA GLN E 54 25.09 -9.14 14.90
C GLN E 54 24.05 -9.16 16.02
N MET E 55 23.12 -8.22 15.97
CA MET E 55 22.02 -8.15 16.92
C MET E 55 20.72 -8.54 16.23
N ARG E 56 19.84 -9.21 16.98
CA ARG E 56 18.57 -9.70 16.47
C ARG E 56 17.43 -9.01 17.21
N THR E 57 16.35 -8.72 16.46
CA THR E 57 15.17 -8.10 17.04
C THR E 57 14.53 -9.02 18.07
N ARG E 58 14.54 -8.61 19.34
CA ARG E 58 13.96 -9.40 20.42
C ARG E 58 12.53 -9.01 20.74
N ARG E 59 12.20 -7.73 20.67
CA ARG E 59 10.83 -7.27 20.88
C ARG E 59 10.46 -6.31 19.76
N THR E 60 9.16 -6.08 19.62
CA THR E 60 8.64 -5.16 18.61
C THR E 60 7.45 -4.42 19.20
N LEU E 61 7.64 -3.14 19.52
CA LEU E 61 6.59 -2.30 20.10
C LEU E 61 5.80 -1.67 18.96
N ARG E 62 4.64 -2.26 18.64
CA ARG E 62 3.83 -1.85 17.51
C ARG E 62 2.54 -1.16 17.93
N GLY E 63 2.57 -0.46 19.07
CA GLY E 63 1.38 0.20 19.55
C GLY E 63 1.14 1.58 18.94
N HIS E 64 2.20 2.25 18.52
CA HIS E 64 2.07 3.59 17.98
C HIS E 64 1.42 3.56 16.60
N LEU E 65 0.75 4.66 16.26
CA LEU E 65 0.05 4.79 14.98
C LEU E 65 0.86 5.58 13.96
N ALA E 66 1.30 6.78 14.30
CA ALA E 66 2.07 7.61 13.40
C ALA E 66 3.56 7.28 13.52
N LYS E 67 4.39 8.04 12.81
CA LYS E 67 5.82 7.82 12.85
C LYS E 67 6.38 8.19 14.22
N ILE E 68 7.24 7.33 14.75
CA ILE E 68 7.84 7.55 16.06
C ILE E 68 9.04 8.48 15.91
N TYR E 69 8.98 9.62 16.58
CA TYR E 69 10.02 10.64 16.41
C TYR E 69 11.13 10.53 17.46
N ALA E 70 10.80 10.15 18.69
CA ALA E 70 11.81 10.08 19.74
C ALA E 70 11.48 8.94 20.69
N MET E 71 12.45 8.59 21.53
CA MET E 71 12.33 7.55 22.53
C MET E 71 13.46 7.71 23.52
N HIS E 72 13.21 7.31 24.77
CA HIS E 72 14.20 7.42 25.84
C HIS E 72 14.06 6.26 26.80
N TRP E 73 15.18 5.68 27.19
CA TRP E 73 15.19 4.59 28.14
C TRP E 73 15.16 5.12 29.57
N GLY E 74 14.49 4.38 30.44
CA GLY E 74 14.57 4.68 31.86
C GLY E 74 15.84 4.11 32.48
N THR E 75 16.25 4.71 33.60
CA THR E 75 17.46 4.28 34.27
C THR E 75 17.32 2.88 34.87
N ASP E 76 16.09 2.35 34.96
CA ASP E 76 15.90 0.97 35.37
C ASP E 76 16.18 -0.03 34.25
N SER E 77 16.48 0.45 33.04
CA SER E 77 16.80 -0.37 31.88
C SER E 77 15.67 -1.29 31.46
N ARG E 78 14.47 -1.09 32.00
CA ARG E 78 13.31 -1.91 31.65
C ARG E 78 12.20 -1.11 31.01
N LEU E 79 11.82 0.03 31.59
CA LEU E 79 10.77 0.87 31.07
C LEU E 79 11.34 1.90 30.11
N LEU E 80 10.65 2.12 28.99
CA LEU E 80 11.05 3.12 28.03
C LEU E 80 9.80 3.85 27.54
N VAL E 81 9.98 5.14 27.22
CA VAL E 81 8.92 5.98 26.70
C VAL E 81 9.25 6.32 25.25
N SER E 82 8.21 6.42 24.42
CA SER E 82 8.37 6.72 23.01
C SER E 82 7.37 7.79 22.59
N ALA E 83 7.82 8.70 21.73
CA ALA E 83 7.00 9.79 21.23
C ALA E 83 6.69 9.55 19.76
N SER E 84 5.41 9.66 19.40
CA SER E 84 4.96 9.48 18.03
C SER E 84 4.09 10.66 17.62
N GLN E 85 4.12 10.97 16.32
CA GLN E 85 3.44 12.15 15.80
C GLN E 85 1.92 12.07 15.87
N ASP E 86 1.36 10.98 16.40
CA ASP E 86 -0.08 10.86 16.56
C ASP E 86 -0.59 11.49 17.85
N GLY E 87 0.30 11.89 18.75
CA GLY E 87 -0.10 12.48 20.01
C GLY E 87 -0.20 11.45 21.12
N LYS E 88 0.76 10.53 21.17
CA LYS E 88 0.75 9.45 22.16
C LYS E 88 2.14 9.29 22.76
N LEU E 89 2.20 9.28 24.08
CA LEU E 89 3.42 9.03 24.83
C LEU E 89 3.24 7.72 25.58
N ILE E 90 3.69 6.63 24.98
CA ILE E 90 3.46 5.29 25.51
C ILE E 90 4.69 4.83 26.26
N ILE E 91 4.51 4.47 27.53
CA ILE E 91 5.58 3.89 28.34
C ILE E 91 5.51 2.38 28.16
N TRP E 92 6.62 1.78 27.73
CA TRP E 92 6.68 0.37 27.39
C TRP E 92 7.42 -0.41 28.45
N ASP E 93 6.90 -1.60 28.76
CA ASP E 93 7.62 -2.58 29.58
C ASP E 93 8.36 -3.49 28.61
N SER E 94 9.64 -3.19 28.39
CA SER E 94 10.39 -3.87 27.33
C SER E 94 10.50 -5.37 27.56
N TYR E 95 10.37 -5.81 28.82
CA TYR E 95 10.47 -7.24 29.10
C TYR E 95 9.25 -7.99 28.61
N THR E 96 8.06 -7.45 28.83
CA THR E 96 6.81 -8.13 28.51
C THR E 96 6.00 -7.44 27.43
N THR E 97 6.51 -6.34 26.86
CA THR E 97 5.87 -5.58 25.79
C THR E 97 4.54 -4.96 26.23
N ASN E 98 4.18 -5.07 27.51
CA ASN E 98 2.92 -4.54 28.00
C ASN E 98 3.03 -3.03 28.17
N LYS E 99 2.16 -2.29 27.49
CA LYS E 99 2.15 -0.84 27.57
C LYS E 99 1.71 -0.41 28.96
N VAL E 100 2.60 0.25 29.70
CA VAL E 100 2.27 0.66 31.07
C VAL E 100 1.37 1.89 31.06
N HIS E 101 1.63 2.83 30.15
CA HIS E 101 0.84 4.05 30.06
C HIS E 101 0.62 4.42 28.60
N ALA E 102 -0.44 5.19 28.36
CA ALA E 102 -0.74 5.74 27.04
C ALA E 102 -1.19 7.18 27.27
N ILE E 103 -0.24 8.11 27.21
CA ILE E 103 -0.47 9.51 27.55
C ILE E 103 -0.98 10.22 26.31
N PRO E 104 -2.21 10.74 26.30
CA PRO E 104 -2.67 11.56 25.18
C PRO E 104 -2.10 12.97 25.27
N LEU E 105 -1.45 13.40 24.19
CA LEU E 105 -0.80 14.70 24.17
C LEU E 105 -1.72 15.75 23.58
N ARG E 106 -1.59 16.98 24.08
CA ARG E 106 -2.38 18.08 23.55
C ARG E 106 -2.00 18.40 22.10
N SER E 107 -0.70 18.45 21.83
CA SER E 107 -0.18 18.65 20.48
C SER E 107 0.40 17.34 19.97
N SER E 108 -0.10 16.89 18.81
CA SER E 108 0.33 15.62 18.26
C SER E 108 1.75 15.64 17.70
N TRP E 109 2.24 16.81 17.28
CA TRP E 109 3.55 16.91 16.66
C TRP E 109 4.63 17.03 17.74
N VAL E 110 4.86 15.90 18.40
CA VAL E 110 5.89 15.80 19.44
C VAL E 110 7.18 15.31 18.78
N MET E 111 8.29 16.01 19.05
CA MET E 111 9.57 15.70 18.45
C MET E 111 10.58 15.15 19.44
N THR E 112 10.27 15.15 20.74
CA THR E 112 11.20 14.67 21.74
C THR E 112 10.43 14.18 22.96
N CYS E 113 11.04 13.23 23.68
CA CYS E 113 10.48 12.74 24.93
C CYS E 113 11.63 12.31 25.83
N ALA E 114 11.50 12.61 27.12
CA ALA E 114 12.54 12.32 28.09
C ALA E 114 11.96 11.56 29.28
N TYR E 115 12.64 10.48 29.66
CA TYR E 115 12.28 9.68 30.82
C TYR E 115 13.20 10.09 31.97
N ALA E 116 12.61 10.63 33.03
CA ALA E 116 13.38 11.11 34.16
C ALA E 116 14.13 9.96 34.83
N PRO E 117 15.30 10.23 35.43
CA PRO E 117 16.04 9.15 36.10
C PRO E 117 15.29 8.56 37.29
N SER E 118 14.39 9.33 37.90
CA SER E 118 13.59 8.83 39.01
C SER E 118 12.42 7.97 38.53
N GLY E 119 12.08 8.02 37.24
CA GLY E 119 10.96 7.29 36.71
C GLY E 119 9.59 7.82 37.06
N ASN E 120 9.51 8.87 37.89
CA ASN E 120 8.22 9.40 38.30
C ASN E 120 7.66 10.40 37.28
N TYR E 121 8.53 11.05 36.52
CA TYR E 121 8.10 12.07 35.56
C TYR E 121 8.56 11.69 34.16
N VAL E 122 7.83 12.18 33.16
CA VAL E 122 8.18 12.01 31.76
C VAL E 122 7.88 13.32 31.05
N ALA E 123 8.60 13.58 29.95
CA ALA E 123 8.49 14.82 29.22
C ALA E 123 8.17 14.56 27.76
N CYS E 124 7.76 15.62 27.07
CA CYS E 124 7.51 15.57 25.64
C CYS E 124 7.54 16.99 25.09
N GLY E 125 7.99 17.12 23.84
CA GLY E 125 8.07 18.42 23.21
C GLY E 125 8.13 18.29 21.71
N GLY E 126 7.77 19.37 21.03
CA GLY E 126 7.77 19.38 19.58
C GLY E 126 7.40 20.72 18.98
N LEU E 127 6.53 20.70 17.96
CA LEU E 127 6.15 21.93 17.27
C LEU E 127 5.33 22.88 18.12
N ASP E 128 4.83 22.43 19.27
CA ASP E 128 4.08 23.29 20.17
C ASP E 128 4.95 24.24 20.96
N ASN E 129 6.27 24.11 20.87
CA ASN E 129 7.23 24.95 21.60
C ASN E 129 7.04 24.86 23.11
N ILE E 130 6.43 23.78 23.59
CA ILE E 130 6.11 23.61 25.01
C ILE E 130 6.57 22.23 25.45
N CYS E 131 7.30 22.18 26.56
CA CYS E 131 7.70 20.92 27.18
C CYS E 131 6.66 20.53 28.21
N SER E 132 6.00 19.39 28.02
CA SER E 132 4.92 18.93 28.88
C SER E 132 5.48 17.84 29.80
N ILE E 133 5.55 18.15 31.09
CA ILE E 133 6.03 17.20 32.08
C ILE E 133 4.83 16.43 32.63
N TYR E 134 4.83 15.12 32.39
CA TYR E 134 3.75 14.26 32.84
C TYR E 134 4.21 13.45 34.06
N ASN E 135 3.43 13.50 35.13
CA ASN E 135 3.74 12.75 36.34
C ASN E 135 3.22 11.32 36.20
N LEU E 136 4.13 10.35 36.22
CA LEU E 136 3.78 8.95 36.10
C LEU E 136 3.37 8.31 37.43
N LYS E 137 3.46 9.06 38.52
CA LYS E 137 3.04 8.59 39.84
C LYS E 137 1.91 9.51 40.31
N THR E 138 0.68 9.16 39.93
CA THR E 138 -0.49 9.97 40.25
C THR E 138 -1.50 9.12 40.98
N ARG E 139 -2.01 9.62 42.11
CA ARG E 139 -3.03 8.91 42.88
C ARG E 139 -4.44 9.20 42.38
N GLU E 140 -4.60 10.14 41.44
CA GLU E 140 -5.92 10.44 40.92
C GLU E 140 -6.43 9.34 40.01
N GLY E 141 -5.53 8.63 39.33
CA GLY E 141 -5.90 7.59 38.39
C GLY E 141 -5.59 7.90 36.94
N ASN E 142 -4.99 9.05 36.65
CA ASN E 142 -4.67 9.45 35.29
C ASN E 142 -3.33 10.16 35.25
N VAL E 143 -2.60 9.99 34.15
CA VAL E 143 -1.34 10.70 33.95
C VAL E 143 -1.68 12.09 33.41
N ARG E 144 -1.42 13.12 34.21
CA ARG E 144 -1.79 14.49 33.86
C ARG E 144 -0.53 15.35 33.73
N VAL E 145 -0.72 16.52 33.12
CA VAL E 145 0.38 17.46 32.95
C VAL E 145 0.74 18.07 34.29
N SER E 146 2.00 17.92 34.69
CA SER E 146 2.47 18.51 35.94
C SER E 146 2.96 19.93 35.74
N ARG E 147 3.54 20.24 34.58
CA ARG E 147 4.04 21.59 34.29
C ARG E 147 4.30 21.70 32.80
N GLU E 148 3.90 22.83 32.22
CA GLU E 148 4.12 23.11 30.80
C GLU E 148 5.10 24.26 30.69
N LEU E 149 6.18 24.04 29.93
CA LEU E 149 7.26 25.02 29.77
C LEU E 149 7.09 25.69 28.41
N ALA E 150 6.46 26.86 28.41
CA ALA E 150 6.12 27.58 27.18
C ALA E 150 7.04 28.77 26.92
N GLY E 151 8.24 28.77 27.52
CA GLY E 151 9.15 29.89 27.32
C GLY E 151 9.87 29.85 25.99
N HIS E 152 10.07 28.66 25.43
CA HIS E 152 10.78 28.52 24.17
C HIS E 152 9.99 29.14 23.02
N THR E 153 10.71 29.78 22.10
CA THR E 153 10.10 30.43 20.95
C THR E 153 10.17 29.58 19.69
N GLY E 154 10.82 28.41 19.74
CA GLY E 154 10.89 27.52 18.61
C GLY E 154 10.48 26.11 18.99
N TYR E 155 10.42 25.24 17.99
CA TYR E 155 10.06 23.86 18.21
C TYR E 155 11.11 23.16 19.07
N LEU E 156 10.64 22.29 19.96
CA LEU E 156 11.52 21.53 20.84
C LEU E 156 11.98 20.27 20.14
N SER E 157 13.29 20.13 19.95
CA SER E 157 13.86 18.97 19.27
C SER E 157 14.39 17.91 20.23
N CYS E 158 14.88 18.31 21.40
CA CYS E 158 15.41 17.36 22.37
C CYS E 158 15.22 17.92 23.77
N CYS E 159 15.06 17.01 24.73
CA CYS E 159 14.93 17.37 26.12
C CYS E 159 15.44 16.22 26.97
N ARG E 160 16.09 16.55 28.08
CA ARG E 160 16.67 15.55 28.97
C ARG E 160 16.51 16.01 30.42
N PHE E 161 16.25 15.06 31.32
CA PHE E 161 15.99 15.36 32.71
C PHE E 161 17.30 15.38 33.50
N LEU E 162 17.53 16.48 34.22
CA LEU E 162 18.60 16.52 35.21
C LEU E 162 18.15 15.99 36.56
N ASP E 163 17.07 16.56 37.09
CA ASP E 163 16.53 16.20 38.39
C ASP E 163 15.04 15.92 38.22
N ASP E 164 14.32 15.78 39.34
CA ASP E 164 12.87 15.78 39.27
C ASP E 164 12.32 17.17 39.01
N ASN E 165 13.11 18.21 39.29
CA ASN E 165 12.71 19.58 39.07
C ASN E 165 13.59 20.32 38.08
N GLN E 166 14.55 19.64 37.45
CA GLN E 166 15.44 20.25 36.47
C GLN E 166 15.40 19.45 35.18
N ILE E 167 15.29 20.15 34.06
CA ILE E 167 15.25 19.52 32.74
C ILE E 167 15.81 20.49 31.72
N VAL E 168 16.77 20.01 30.91
CA VAL E 168 17.37 20.81 29.84
C VAL E 168 16.65 20.46 28.54
N THR E 169 16.05 21.48 27.92
CA THR E 169 15.30 21.29 26.68
C THR E 169 15.91 22.16 25.59
N SER E 170 16.42 21.51 24.55
CA SER E 170 16.89 22.24 23.38
C SER E 170 15.70 22.56 22.46
N SER E 171 15.86 23.62 21.67
CA SER E 171 14.76 24.09 20.83
C SER E 171 15.30 24.53 19.48
N GLY E 172 14.39 24.60 18.51
CA GLY E 172 14.72 25.04 17.17
C GLY E 172 14.99 26.51 17.01
N ASP E 173 14.92 27.28 18.10
CA ASP E 173 15.20 28.72 18.07
C ASP E 173 16.67 29.03 18.28
N THR E 174 17.56 28.08 17.97
CA THR E 174 19.00 28.17 18.15
C THR E 174 19.39 28.32 19.61
N THR E 175 18.48 27.99 20.53
CA THR E 175 18.68 28.26 21.96
C THR E 175 18.32 27.03 22.78
N CYS E 176 19.20 26.68 23.71
CA CYS E 176 18.92 25.68 24.73
C CYS E 176 18.58 26.37 26.04
N ALA E 177 17.77 25.71 26.86
CA ALA E 177 17.30 26.32 28.09
C ALA E 177 17.30 25.30 29.23
N LEU E 178 17.60 25.78 30.43
CA LEU E 178 17.49 24.98 31.64
C LEU E 178 16.25 25.41 32.40
N TRP E 179 15.42 24.44 32.78
CA TRP E 179 14.11 24.71 33.35
C TRP E 179 14.05 24.24 34.80
N ASP E 180 13.22 24.93 35.58
CA ASP E 180 12.83 24.50 36.92
C ASP E 180 11.35 24.13 36.87
N ILE E 181 11.05 22.85 37.07
CA ILE E 181 9.68 22.37 36.90
C ILE E 181 8.75 22.98 37.94
N GLU E 182 9.27 23.30 39.13
CA GLU E 182 8.45 23.91 40.16
C GLU E 182 7.98 25.30 39.75
N THR E 183 8.92 26.19 39.42
CA THR E 183 8.57 27.54 39.03
C THR E 183 8.12 27.64 37.58
N GLY E 184 8.48 26.67 36.74
CA GLY E 184 8.11 26.74 35.34
C GLY E 184 8.79 27.82 34.55
N GLN E 185 9.92 28.33 35.04
CA GLN E 185 10.63 29.42 34.40
C GLN E 185 12.05 28.99 34.04
N GLN E 186 12.61 29.61 33.01
CA GLN E 186 13.97 29.30 32.60
C GLN E 186 14.96 29.85 33.62
N THR E 187 15.78 28.96 34.18
CA THR E 187 16.83 29.36 35.10
C THR E 187 18.14 29.63 34.40
N THR E 188 18.35 29.07 33.21
CA THR E 188 19.57 29.29 32.45
C THR E 188 19.23 29.16 30.97
N THR E 189 19.71 30.11 30.17
CA THR E 189 19.42 30.19 28.75
C THR E 189 20.74 30.17 27.98
N PHE E 190 20.86 29.22 27.04
CA PHE E 190 22.08 29.05 26.25
C PHE E 190 21.82 29.56 24.84
N THR E 191 22.43 30.70 24.50
CA THR E 191 22.20 31.38 23.23
C THR E 191 23.47 31.42 22.37
N GLY E 192 24.17 30.29 22.27
CA GLY E 192 25.40 30.25 21.49
C GLY E 192 25.24 29.78 20.07
N HIS E 193 24.41 28.77 19.86
CA HIS E 193 24.23 28.21 18.52
C HIS E 193 23.58 29.21 17.57
N THR E 194 23.92 29.07 16.29
CA THR E 194 23.33 29.89 15.24
C THR E 194 22.35 29.13 14.37
N GLY E 195 22.17 27.82 14.62
CA GLY E 195 21.21 27.03 13.88
C GLY E 195 20.31 26.26 14.83
N ASP E 196 19.29 25.64 14.25
CA ASP E 196 18.31 24.89 15.03
C ASP E 196 18.97 23.76 15.81
N VAL E 197 18.97 23.85 17.13
CA VAL E 197 19.53 22.80 17.96
C VAL E 197 18.64 21.56 17.84
N MET E 198 19.21 20.47 17.33
CA MET E 198 18.43 19.27 17.03
C MET E 198 18.52 18.20 18.12
N SER E 199 19.58 18.19 18.92
CA SER E 199 19.73 17.15 19.93
C SER E 199 20.72 17.62 20.99
N LEU E 200 20.44 17.25 22.24
CA LEU E 200 21.36 17.49 23.35
C LEU E 200 21.63 16.17 24.05
N SER E 201 22.74 16.13 24.80
CA SER E 201 23.14 14.92 25.49
C SER E 201 23.79 15.31 26.81
N LEU E 202 23.26 14.80 27.92
CA LEU E 202 23.81 15.09 29.23
C LEU E 202 24.99 14.18 29.53
N ALA E 203 25.97 14.72 30.25
CA ALA E 203 27.09 13.93 30.71
C ALA E 203 26.66 13.07 31.90
N PRO E 204 27.42 12.00 32.20
CA PRO E 204 27.09 11.20 33.39
C PRO E 204 27.08 12.00 34.68
N ASP E 205 27.89 13.05 34.77
CA ASP E 205 27.87 13.93 35.93
C ASP E 205 26.72 14.94 35.89
N THR E 206 26.04 15.07 34.75
CA THR E 206 24.92 16.00 34.56
C THR E 206 25.30 17.44 34.95
N ARG E 207 26.58 17.78 34.79
CA ARG E 207 27.03 19.15 34.99
C ARG E 207 27.37 19.86 33.70
N LEU E 208 27.58 19.14 32.61
CA LEU E 208 27.80 19.71 31.29
C LEU E 208 27.07 18.88 30.25
N PHE E 209 26.59 19.53 29.20
CA PHE E 209 25.90 18.83 28.13
C PHE E 209 26.30 19.43 26.79
N VAL E 210 26.43 18.58 25.78
CA VAL E 210 26.74 18.98 24.42
C VAL E 210 25.46 19.00 23.61
N SER E 211 25.32 20.02 22.77
CA SER E 211 24.13 20.20 21.94
C SER E 211 24.55 20.31 20.48
N GLY E 212 23.94 19.51 19.62
CA GLY E 212 24.18 19.57 18.19
C GLY E 212 23.09 20.37 17.51
N ALA E 213 23.50 21.32 16.70
CA ALA E 213 22.59 22.24 16.02
C ALA E 213 22.80 22.13 14.51
N CYS E 214 22.00 22.89 13.78
CA CYS E 214 22.07 22.92 12.32
C CYS E 214 23.18 23.82 11.79
N ASP E 215 24.02 24.35 12.67
CA ASP E 215 25.17 25.15 12.27
C ASP E 215 26.41 24.30 12.03
N ALA E 216 26.25 22.98 11.89
CA ALA E 216 27.34 22.02 11.74
C ALA E 216 28.32 22.04 12.91
N SER E 217 27.92 22.63 14.03
CA SER E 217 28.79 22.77 15.20
C SER E 217 28.11 22.20 16.43
N ALA E 218 28.90 21.58 17.30
CA ALA E 218 28.44 21.10 18.60
C ALA E 218 29.13 21.90 19.68
N LYS E 219 28.36 22.30 20.70
CA LYS E 219 28.85 23.17 21.76
C LYS E 219 28.72 22.48 23.10
N LEU E 220 29.80 22.48 23.88
CA LEU E 220 29.79 21.96 25.24
C LEU E 220 29.27 23.04 26.17
N TRP E 221 28.12 22.80 26.78
CA TRP E 221 27.43 23.79 27.59
C TRP E 221 27.56 23.43 29.07
N ASP E 222 28.04 24.38 29.86
CA ASP E 222 28.06 24.23 31.31
C ASP E 222 26.67 24.55 31.86
N VAL E 223 26.07 23.58 32.54
CA VAL E 223 24.68 23.76 32.98
C VAL E 223 24.59 24.76 34.12
N ARG E 224 25.57 24.74 35.03
CA ARG E 224 25.51 25.61 36.20
C ARG E 224 25.99 27.02 35.88
N GLU E 225 27.05 27.15 35.08
CA GLU E 225 27.57 28.47 34.74
C GLU E 225 26.78 29.10 33.59
N GLY E 226 26.25 28.30 32.67
CA GLY E 226 25.49 28.82 31.57
C GLY E 226 26.30 29.30 30.39
N MET E 227 27.58 28.95 30.31
CA MET E 227 28.45 29.37 29.23
C MET E 227 28.82 28.18 28.35
N CYS E 228 29.22 28.49 27.12
CA CYS E 228 29.67 27.47 26.17
C CYS E 228 31.16 27.27 26.35
N ARG E 229 31.56 26.11 26.85
CA ARG E 229 32.98 25.84 27.10
C ARG E 229 33.74 25.68 25.78
N GLN E 230 33.31 24.74 24.94
CA GLN E 230 33.97 24.45 23.69
C GLN E 230 32.95 24.37 22.56
N THR E 231 33.44 24.53 21.33
CA THR E 231 32.63 24.42 20.14
C THR E 231 33.32 23.47 19.15
N PHE E 232 32.56 22.51 18.63
CA PHE E 232 33.10 21.46 17.77
C PHE E 232 32.39 21.54 16.43
N THR E 233 33.08 22.07 15.42
CA THR E 233 32.52 22.28 14.08
C THR E 233 33.20 21.36 13.07
N GLY E 234 33.45 20.11 13.46
CA GLY E 234 34.07 19.18 12.54
C GLY E 234 33.14 18.70 11.44
N HIS E 235 31.83 18.81 11.67
CA HIS E 235 30.85 18.34 10.71
C HIS E 235 30.67 19.33 9.57
N GLU E 236 29.99 18.87 8.52
CA GLU E 236 29.75 19.68 7.33
C GLU E 236 28.28 20.03 7.12
N SER E 237 27.36 19.38 7.82
CA SER E 237 25.93 19.61 7.63
C SER E 237 25.25 19.64 8.99
N ASP E 238 23.93 19.65 8.97
CA ASP E 238 23.15 19.78 10.20
C ASP E 238 23.37 18.58 11.11
N ILE E 239 23.85 18.85 12.33
CA ILE E 239 24.08 17.80 13.33
C ILE E 239 22.72 17.45 13.93
N ASN E 240 22.15 16.32 13.50
CA ASN E 240 20.84 15.89 13.97
C ASN E 240 20.91 15.01 15.20
N ALA E 241 22.09 14.48 15.55
CA ALA E 241 22.21 13.53 16.64
C ALA E 241 23.44 13.87 17.47
N ILE E 242 23.37 13.51 18.76
CA ILE E 242 24.49 13.72 19.68
C ILE E 242 24.30 12.77 20.85
N CYS E 243 25.42 12.33 21.42
CA CYS E 243 25.39 11.39 22.53
C CYS E 243 26.73 11.42 23.25
N PHE E 244 26.70 11.62 24.56
CA PHE E 244 27.92 11.65 25.35
C PHE E 244 28.57 10.27 25.42
N PHE E 245 29.89 10.27 25.53
CA PHE E 245 30.61 9.04 25.82
C PHE E 245 30.35 8.62 27.27
N PRO E 246 30.29 7.32 27.54
CA PRO E 246 30.02 6.87 28.92
C PRO E 246 31.00 7.40 29.96
N ASN E 247 32.21 7.79 29.56
CA ASN E 247 33.17 8.34 30.51
C ASN E 247 32.93 9.82 30.80
N GLY E 248 32.21 10.51 29.92
CA GLY E 248 31.91 11.92 30.11
C GLY E 248 32.93 12.88 29.53
N ASN E 249 33.94 12.39 28.83
CA ASN E 249 34.97 13.25 28.25
C ASN E 249 34.85 13.39 26.74
N ALA E 250 34.03 12.57 26.09
CA ALA E 250 33.85 12.62 24.64
C ALA E 250 32.37 12.54 24.31
N PHE E 251 32.07 12.65 23.02
CA PHE E 251 30.70 12.54 22.53
C PHE E 251 30.73 12.35 21.02
N ALA E 252 29.69 11.70 20.52
CA ALA E 252 29.52 11.49 19.09
C ALA E 252 28.45 12.43 18.54
N THR E 253 28.54 12.71 17.24
CA THR E 253 27.62 13.62 16.56
C THR E 253 27.24 13.03 15.22
N GLY E 254 25.93 12.88 14.99
CA GLY E 254 25.41 12.43 13.72
C GLY E 254 24.83 13.60 12.94
N SER E 255 25.28 13.74 11.70
CA SER E 255 24.89 14.87 10.87
C SER E 255 24.34 14.38 9.54
N ASP E 256 23.86 15.32 8.72
CA ASP E 256 23.28 15.00 7.43
C ASP E 256 24.33 14.67 6.38
N ASP E 257 25.62 14.87 6.67
CA ASP E 257 26.69 14.58 5.74
C ASP E 257 27.06 13.10 5.68
N ALA E 258 26.21 12.22 6.22
CA ALA E 258 26.45 10.78 6.26
C ALA E 258 27.74 10.44 6.99
N THR E 259 28.05 11.21 8.04
CA THR E 259 29.29 11.03 8.79
C THR E 259 29.00 11.17 10.27
N CYS E 260 29.52 10.24 11.06
CA CYS E 260 29.55 10.37 12.51
C CYS E 260 30.95 10.78 12.93
N ARG E 261 31.03 11.67 13.91
CA ARG E 261 32.30 12.22 14.36
C ARG E 261 32.38 12.17 15.88
N LEU E 262 33.46 11.60 16.40
CA LEU E 262 33.69 11.49 17.83
C LEU E 262 34.66 12.58 18.26
N PHE E 263 34.14 13.60 18.95
CA PHE E 263 34.96 14.70 19.44
C PHE E 263 35.47 14.36 20.84
N ASP E 264 36.09 15.33 21.49
CA ASP E 264 36.60 15.14 22.85
C ASP E 264 36.59 16.47 23.57
N LEU E 265 36.13 16.46 24.83
CA LEU E 265 36.07 17.67 25.63
C LEU E 265 37.46 18.13 26.09
N ARG E 266 38.47 17.30 25.96
CA ARG E 266 39.84 17.66 26.33
C ARG E 266 40.71 18.01 25.13
N ALA E 267 40.59 17.26 24.03
CA ALA E 267 41.32 17.59 22.82
C ALA E 267 40.67 18.72 22.04
N ASP E 268 39.37 18.95 22.23
CA ASP E 268 38.63 20.03 21.60
C ASP E 268 38.71 19.95 20.07
N GLN E 269 38.79 18.73 19.53
CA GLN E 269 38.83 18.53 18.09
C GLN E 269 38.30 17.15 17.75
N GLU E 270 38.05 16.94 16.46
CA GLU E 270 37.51 15.67 15.98
C GLU E 270 38.57 14.58 16.10
N LEU E 271 38.24 13.52 16.84
CA LEU E 271 39.17 12.40 17.01
C LEU E 271 38.96 11.31 15.98
N MET E 272 37.73 11.12 15.50
CA MET E 272 37.43 10.05 14.57
C MET E 272 36.26 10.45 13.68
N THR E 273 36.26 9.90 12.47
CA THR E 273 35.18 10.10 11.50
C THR E 273 34.71 8.74 11.03
N TYR E 274 33.41 8.48 11.18
CA TYR E 274 32.81 7.20 10.81
C TYR E 274 32.08 7.41 9.49
N SER E 275 32.74 7.07 8.39
CA SER E 275 32.18 7.30 7.06
C SER E 275 32.32 6.04 6.22
N HIS E 276 31.48 5.95 5.19
CA HIS E 276 31.48 4.82 4.28
C HIS E 276 30.94 5.28 2.94
N ASP E 277 31.47 4.69 1.87
CA ASP E 277 30.99 5.04 0.52
C ASP E 277 29.56 4.59 0.31
N ASN E 278 29.13 3.51 0.96
CA ASN E 278 27.76 3.05 0.82
C ASN E 278 26.77 3.97 1.53
N ILE E 279 27.23 4.80 2.46
CA ILE E 279 26.37 5.65 3.26
C ILE E 279 26.46 7.08 2.72
N ILE E 280 25.36 7.56 2.14
CA ILE E 280 25.25 8.95 1.70
C ILE E 280 23.99 9.56 2.27
N CYS E 281 23.55 9.07 3.43
CA CYS E 281 22.31 9.49 4.06
C CYS E 281 22.60 10.05 5.44
N GLY E 282 21.81 11.05 5.85
CA GLY E 282 22.04 11.71 7.12
C GLY E 282 21.72 10.82 8.31
N ILE E 283 22.44 11.06 9.40
CA ILE E 283 22.22 10.33 10.64
C ILE E 283 21.16 11.05 11.45
N THR E 284 20.24 10.27 12.04
CA THR E 284 19.16 10.81 12.84
C THR E 284 19.30 10.54 14.33
N SER E 285 20.09 9.55 14.72
CA SER E 285 20.26 9.22 16.14
C SER E 285 21.57 8.47 16.32
N VAL E 286 22.21 8.71 17.47
CA VAL E 286 23.46 8.04 17.82
C VAL E 286 23.38 7.63 19.28
N SER E 287 24.16 6.61 19.64
CA SER E 287 24.20 6.11 21.00
C SER E 287 25.42 5.21 21.16
N PHE E 288 25.99 5.24 22.37
CA PHE E 288 27.11 4.38 22.72
C PHE E 288 26.61 3.19 23.54
N SER E 289 27.51 2.24 23.77
CA SER E 289 27.20 1.10 24.62
C SER E 289 27.54 1.44 26.07
N LYS E 290 27.51 0.45 26.96
CA LYS E 290 27.92 0.69 28.34
C LYS E 290 29.42 0.98 28.44
N SER E 291 30.20 0.44 27.51
CA SER E 291 31.64 0.68 27.47
C SER E 291 32.05 1.71 26.43
N GLY E 292 31.12 2.17 25.60
CA GLY E 292 31.44 3.14 24.58
C GLY E 292 32.21 2.60 23.39
N ARG E 293 32.42 1.28 23.33
CA ARG E 293 33.17 0.71 22.22
C ARG E 293 32.36 0.70 20.93
N LEU E 294 31.07 0.39 21.04
CA LEU E 294 30.19 0.36 19.88
C LEU E 294 29.43 1.69 19.76
N LEU E 295 29.31 2.18 18.53
CA LEU E 295 28.62 3.44 18.25
C LEU E 295 27.43 3.11 17.36
N LEU E 296 26.30 2.80 17.99
CA LEU E 296 25.06 2.51 17.26
C LEU E 296 24.45 3.82 16.77
N ALA E 297 24.30 3.95 15.47
CA ALA E 297 23.80 5.18 14.87
C ALA E 297 22.63 4.86 13.95
N GLY E 298 21.57 5.67 14.04
CA GLY E 298 20.43 5.53 13.15
C GLY E 298 20.62 6.37 11.90
N TYR E 299 20.27 5.79 10.75
CA TYR E 299 20.50 6.41 9.46
C TYR E 299 19.18 6.57 8.72
N ASP E 300 19.25 7.27 7.58
CA ASP E 300 18.13 7.37 6.67
C ASP E 300 18.02 6.18 5.73
N ASP E 301 18.93 5.21 5.84
CA ASP E 301 18.86 3.97 5.08
C ASP E 301 17.86 2.97 5.66
N PHE E 302 16.96 3.44 6.52
CA PHE E 302 15.93 2.63 7.17
C PHE E 302 16.52 1.57 8.10
N ASN E 303 17.74 1.77 8.56
CA ASN E 303 18.41 0.77 9.40
C ASN E 303 19.52 1.44 10.19
N CYS E 304 19.93 0.77 11.27
CA CYS E 304 21.00 1.26 12.12
C CYS E 304 22.32 0.58 11.76
N ASN E 305 23.42 1.19 12.20
CA ASN E 305 24.76 0.67 11.98
C ASN E 305 25.51 0.66 13.30
N VAL E 306 26.22 -0.43 13.56
CA VAL E 306 26.99 -0.60 14.80
C VAL E 306 28.43 -0.27 14.46
N TRP E 307 28.82 0.99 14.67
CA TRP E 307 30.17 1.44 14.40
C TRP E 307 31.10 1.08 15.54
N ASP E 308 32.38 0.93 15.21
CA ASP E 308 33.43 0.70 16.20
C ASP E 308 34.03 2.05 16.55
N ALA E 309 33.81 2.51 17.78
CA ALA E 309 34.26 3.84 18.18
C ALA E 309 35.78 3.97 18.12
N LEU E 310 36.50 2.88 18.30
CA LEU E 310 37.96 2.92 18.26
C LEU E 310 38.53 2.56 16.89
N LYS E 311 37.84 1.72 16.13
CA LYS E 311 38.34 1.26 14.84
C LYS E 311 37.72 2.00 13.65
N ALA E 312 36.61 2.71 13.86
CA ALA E 312 35.90 3.45 12.82
C ALA E 312 35.36 2.56 11.70
N ASP E 313 35.36 1.25 11.90
CA ASP E 313 34.86 0.31 10.90
C ASP E 313 33.48 -0.21 11.33
N ARG E 314 32.57 -0.30 10.37
CA ARG E 314 31.24 -0.80 10.66
C ARG E 314 31.30 -2.26 11.08
N ALA E 315 30.72 -2.56 12.25
CA ALA E 315 30.78 -3.90 12.82
C ALA E 315 29.43 -4.58 12.91
N GLY E 316 28.35 -3.89 12.55
CA GLY E 316 27.03 -4.50 12.61
C GLY E 316 25.99 -3.59 11.99
N VAL E 317 24.92 -4.23 11.52
CA VAL E 317 23.80 -3.53 10.88
C VAL E 317 22.50 -4.04 11.50
N LEU E 318 21.57 -3.13 11.74
CA LEU E 318 20.25 -3.44 12.30
C LEU E 318 19.21 -3.08 11.24
N ALA E 319 18.93 -4.02 10.35
CA ALA E 319 18.14 -3.78 9.14
C ALA E 319 16.70 -4.29 9.28
N GLY E 320 16.10 -4.15 10.45
CA GLY E 320 14.75 -4.60 10.66
C GLY E 320 13.72 -3.49 10.79
N HIS E 321 13.90 -2.40 10.05
CA HIS E 321 12.98 -1.28 10.10
C HIS E 321 12.51 -0.93 8.70
N ASP E 322 11.21 -0.69 8.56
CA ASP E 322 10.65 -0.41 7.24
C ASP E 322 10.91 1.02 6.81
N ASN E 323 10.80 1.98 7.73
CA ASN E 323 10.93 3.40 7.41
C ASN E 323 12.15 3.97 8.13
N ARG E 324 12.31 5.29 8.01
CA ARG E 324 13.48 5.97 8.55
C ARG E 324 13.58 5.79 10.06
N VAL E 325 14.74 5.33 10.52
CA VAL E 325 15.02 5.17 11.94
C VAL E 325 15.29 6.57 12.51
N SER E 326 14.30 7.14 13.18
CA SER E 326 14.41 8.50 13.69
C SER E 326 15.09 8.58 15.05
N CYS E 327 15.12 7.49 15.81
CA CYS E 327 15.63 7.54 17.17
C CYS E 327 16.09 6.16 17.61
N LEU E 328 17.08 6.14 18.49
CA LEU E 328 17.51 4.90 19.13
C LEU E 328 18.06 5.23 20.52
N GLY E 329 18.09 4.21 21.37
CA GLY E 329 18.59 4.37 22.72
C GLY E 329 19.12 3.09 23.31
N VAL E 330 20.21 3.19 24.07
CA VAL E 330 20.83 2.05 24.73
C VAL E 330 20.55 2.16 26.23
N THR E 331 20.21 1.03 26.84
CA THR E 331 19.88 1.00 28.26
C THR E 331 21.08 1.41 29.11
N ASP E 332 20.79 1.76 30.37
CA ASP E 332 21.85 2.18 31.29
C ASP E 332 22.80 1.04 31.64
N ASP E 333 22.37 -0.21 31.44
CA ASP E 333 23.24 -1.37 31.66
C ASP E 333 23.75 -1.96 30.36
N GLY E 334 23.40 -1.39 29.22
CA GLY E 334 23.89 -1.87 27.94
C GLY E 334 23.32 -3.20 27.51
N MET E 335 22.19 -3.61 28.06
CA MET E 335 21.60 -4.91 27.74
C MET E 335 20.71 -4.88 26.51
N ALA E 336 20.09 -3.74 26.20
CA ALA E 336 19.16 -3.66 25.09
C ALA E 336 19.39 -2.36 24.34
N VAL E 337 18.94 -2.34 23.08
CA VAL E 337 19.02 -1.18 22.21
C VAL E 337 17.66 -1.04 21.53
N ALA E 338 16.84 -0.13 22.02
CA ALA E 338 15.58 0.18 21.36
C ALA E 338 15.82 1.19 20.23
N THR E 339 15.23 0.93 19.07
CA THR E 339 15.41 1.77 17.89
C THR E 339 14.03 2.16 17.36
N GLY E 340 13.59 3.38 17.65
CA GLY E 340 12.36 3.88 17.07
C GLY E 340 12.54 4.27 15.62
N SER E 341 11.48 4.08 14.83
CA SER E 341 11.53 4.37 13.41
C SER E 341 10.22 5.00 12.97
N TRP E 342 10.19 5.48 11.73
CA TRP E 342 9.02 6.15 11.20
C TRP E 342 7.90 5.18 10.83
N ASP E 343 8.13 3.87 10.92
CA ASP E 343 7.10 2.88 10.62
C ASP E 343 6.23 2.54 11.83
N SER E 344 6.20 3.43 12.83
CA SER E 344 5.41 3.25 14.05
C SER E 344 5.81 2.00 14.83
N PHE E 345 7.04 1.52 14.65
CA PHE E 345 7.52 0.30 15.28
C PHE E 345 8.80 0.57 16.04
N LEU E 346 8.81 0.26 17.33
CA LEU E 346 10.04 0.21 18.11
C LEU E 346 10.50 -1.23 18.21
N LYS E 347 11.81 -1.44 18.11
CA LYS E 347 12.38 -2.77 18.11
C LYS E 347 13.58 -2.83 19.05
N ILE E 348 13.64 -3.88 19.86
CA ILE E 348 14.74 -4.08 20.80
C ILE E 348 15.82 -4.91 20.12
N TRP E 349 17.06 -4.44 20.20
CA TRP E 349 18.18 -5.15 19.58
C TRP E 349 19.20 -5.59 20.63
N SER F 8 24.04 42.43 13.63
CA SER F 8 24.41 43.83 13.75
C SER F 8 25.83 43.98 14.28
N ILE F 9 26.19 45.20 14.70
CA ILE F 9 27.52 45.47 15.21
C ILE F 9 27.68 45.06 16.67
N ALA F 10 26.59 44.83 17.39
CA ALA F 10 26.65 44.49 18.80
C ALA F 10 26.58 43.00 19.08
N GLN F 11 25.84 42.24 18.26
CA GLN F 11 25.76 40.80 18.48
C GLN F 11 27.01 40.08 17.98
N ALA F 12 27.69 40.65 16.98
CA ALA F 12 28.91 40.05 16.48
C ALA F 12 30.07 40.19 17.47
N ARG F 13 29.94 41.09 18.45
CA ARG F 13 30.99 41.22 19.46
C ARG F 13 31.07 40.00 20.35
N LYS F 14 29.91 39.46 20.77
CA LYS F 14 29.91 38.30 21.64
C LYS F 14 30.48 37.06 20.94
N LEU F 15 30.36 36.99 19.61
CA LEU F 15 31.01 35.92 18.87
C LEU F 15 32.52 36.00 19.01
N VAL F 16 33.07 37.22 19.04
CA VAL F 16 34.49 37.40 19.31
C VAL F 16 34.78 37.18 20.79
N GLU F 17 33.85 37.56 21.67
CA GLU F 17 34.01 37.31 23.10
C GLU F 17 34.05 35.81 23.39
N GLN F 18 33.24 35.03 22.69
CA GLN F 18 33.21 33.59 22.92
C GLN F 18 34.51 32.93 22.47
N LEU F 19 35.13 33.45 21.41
CA LEU F 19 36.35 32.86 20.89
C LEU F 19 37.55 33.12 21.77
N LYS F 20 37.50 34.12 22.65
CA LYS F 20 38.58 34.30 23.63
C LYS F 20 38.43 33.32 24.78
N MET F 21 37.19 33.02 25.18
CA MET F 21 36.94 32.01 26.20
C MET F 21 37.12 30.59 25.66
N GLU F 22 37.38 30.43 24.36
CA GLU F 22 37.55 29.13 23.75
C GLU F 22 38.97 28.83 23.31
N ALA F 23 39.80 29.86 23.10
CA ALA F 23 41.17 29.65 22.65
C ALA F 23 42.16 29.59 23.81
N ASN F 24 41.76 29.99 25.01
CA ASN F 24 42.64 29.97 26.18
C ASN F 24 42.40 28.76 27.06
N ILE F 25 41.58 27.81 26.63
CA ILE F 25 41.26 26.65 27.45
C ILE F 25 42.42 25.66 27.43
N ASP F 26 42.36 24.70 28.36
CA ASP F 26 43.35 23.64 28.44
C ASP F 26 43.01 22.56 27.41
N ARG F 27 44.03 22.11 26.68
CA ARG F 27 43.86 21.08 25.67
C ARG F 27 44.98 20.07 25.79
N ILE F 28 44.64 18.83 26.13
CA ILE F 28 45.64 17.76 26.12
C ILE F 28 45.82 17.25 24.69
N LYS F 29 46.91 16.52 24.48
CA LYS F 29 47.20 15.97 23.17
C LYS F 29 46.17 14.91 22.78
N VAL F 30 46.00 14.72 21.48
CA VAL F 30 45.06 13.72 20.98
C VAL F 30 45.52 12.32 21.37
N SER F 31 46.83 12.07 21.34
CA SER F 31 47.35 10.76 21.73
C SER F 31 46.97 10.41 23.16
N LYS F 32 46.85 11.41 24.04
CA LYS F 32 46.37 11.16 25.38
C LYS F 32 44.85 11.11 25.43
N ALA F 33 44.18 11.95 24.63
CA ALA F 33 42.73 11.93 24.57
C ALA F 33 42.20 10.69 23.87
N ALA F 34 43.01 10.04 23.04
CA ALA F 34 42.63 8.80 22.39
C ALA F 34 42.94 7.58 23.23
N ALA F 35 44.04 7.60 24.00
CA ALA F 35 44.37 6.49 24.87
C ALA F 35 43.43 6.39 26.06
N ASP F 36 42.80 7.49 26.46
CA ASP F 36 41.87 7.44 27.59
C ASP F 36 40.55 6.79 27.18
N LEU F 37 40.03 7.13 26.00
CA LEU F 37 38.85 6.45 25.49
C LEU F 37 39.16 4.99 25.16
N MET F 38 40.38 4.71 24.70
CA MET F 38 40.78 3.34 24.42
C MET F 38 40.89 2.53 25.70
N ALA F 39 41.31 3.17 26.80
CA ALA F 39 41.40 2.46 28.08
C ALA F 39 40.03 2.26 28.70
N TYR F 40 39.11 3.20 28.48
CA TYR F 40 37.77 3.07 29.03
C TYR F 40 36.99 1.95 28.34
N CYS F 41 37.24 1.74 27.05
CA CYS F 41 36.51 0.71 26.32
C CYS F 41 36.94 -0.69 26.74
N GLU F 42 38.17 -0.84 27.22
CA GLU F 42 38.66 -2.13 27.68
C GLU F 42 38.45 -2.35 29.18
N ALA F 43 38.40 -1.27 29.96
CA ALA F 43 38.10 -1.39 31.39
C ALA F 43 36.63 -1.69 31.65
N HIS F 44 35.78 -1.56 30.63
CA HIS F 44 34.35 -1.86 30.75
C HIS F 44 33.90 -2.83 29.67
N ALA F 45 34.84 -3.53 29.02
CA ALA F 45 34.48 -4.45 27.95
C ALA F 45 33.74 -5.67 28.48
N LYS F 46 34.18 -6.20 29.63
CA LYS F 46 33.52 -7.35 30.21
C LYS F 46 32.14 -7.02 30.76
N GLU F 47 31.86 -5.75 31.01
CA GLU F 47 30.55 -5.31 31.48
C GLU F 47 29.68 -4.79 30.36
N ASP F 48 30.07 -4.99 29.10
CA ASP F 48 29.32 -4.51 27.95
C ASP F 48 28.59 -5.68 27.29
N PRO F 49 27.27 -5.83 27.50
CA PRO F 49 26.56 -6.94 26.85
C PRO F 49 26.55 -6.84 25.34
N LEU F 50 26.52 -5.61 24.79
CA LEU F 50 26.53 -5.45 23.33
C LEU F 50 27.87 -5.88 22.74
N LEU F 51 28.97 -5.67 23.46
CA LEU F 51 30.27 -6.11 22.98
C LEU F 51 30.48 -7.60 23.21
N THR F 52 30.33 -8.04 24.46
CA THR F 52 30.41 -9.46 24.79
C THR F 52 29.00 -9.99 25.02
N PRO F 53 28.47 -10.83 24.13
CA PRO F 53 27.08 -11.28 24.26
C PRO F 53 26.88 -12.11 25.52
N VAL F 54 25.91 -11.70 26.34
CA VAL F 54 25.55 -12.41 27.56
C VAL F 54 24.76 -13.65 27.16
N PRO F 55 24.89 -14.77 27.86
CA PRO F 55 24.07 -15.95 27.54
C PRO F 55 22.59 -15.67 27.74
N ALA F 56 21.77 -16.58 27.20
CA ALA F 56 20.32 -16.43 27.23
C ALA F 56 19.74 -16.48 28.64
N SER F 57 20.52 -16.88 29.64
CA SER F 57 20.01 -16.95 31.00
C SER F 57 19.80 -15.55 31.57
N GLU F 58 20.87 -14.73 31.58
CA GLU F 58 20.77 -13.37 32.10
C GLU F 58 20.08 -12.42 31.14
N ASN F 59 20.03 -12.73 29.85
CA ASN F 59 19.39 -11.87 28.87
C ASN F 59 17.88 -11.88 29.07
N PRO F 60 17.26 -10.75 29.41
CA PRO F 60 15.81 -10.72 29.59
C PRO F 60 15.02 -10.47 28.31
N PHE F 61 15.67 -10.42 27.16
CA PHE F 61 15.00 -10.15 25.90
C PHE F 61 15.09 -11.35 24.96
N GLN G 1 35.20 23.12 10.03
CA GLN G 1 34.25 24.23 10.08
C GLN G 1 33.88 24.68 8.66
N VAL G 2 32.58 24.76 8.38
CA VAL G 2 32.11 25.17 7.07
C VAL G 2 32.46 26.65 6.86
N GLN G 3 33.44 26.91 6.01
CA GLN G 3 33.95 28.26 5.78
C GLN G 3 33.67 28.63 4.32
N LEU G 4 32.81 29.63 4.12
CA LEU G 4 32.47 30.12 2.78
C LEU G 4 32.96 31.56 2.68
N GLN G 5 34.23 31.73 2.30
CA GLN G 5 34.83 33.04 2.14
C GLN G 5 34.73 33.44 0.68
N GLU G 6 33.95 34.47 0.39
CA GLU G 6 33.72 34.91 -0.97
C GLU G 6 34.71 35.99 -1.38
N SER G 7 35.04 36.02 -2.65
CA SER G 7 35.95 36.99 -3.24
C SER G 7 35.21 37.84 -4.27
N GLY G 8 35.91 38.87 -4.77
CA GLY G 8 35.33 39.75 -5.76
C GLY G 8 34.34 40.74 -5.17
N GLY G 9 33.96 41.74 -5.95
CA GLY G 9 33.01 42.75 -5.52
C GLY G 9 33.57 44.16 -5.68
N GLY G 10 32.75 45.13 -5.27
CA GLY G 10 33.13 46.52 -5.33
C GLY G 10 32.13 47.39 -6.09
N LEU G 11 32.47 48.65 -6.31
CA LEU G 11 31.60 49.56 -7.03
C LEU G 11 31.88 49.48 -8.52
N VAL G 12 30.82 49.26 -9.31
CA VAL G 12 30.93 49.12 -10.76
C VAL G 12 29.94 50.07 -11.41
N GLN G 13 30.34 50.62 -12.56
CA GLN G 13 29.46 51.47 -13.33
C GLN G 13 28.30 50.65 -13.89
N PRO G 14 27.10 51.24 -14.02
CA PRO G 14 25.97 50.50 -14.60
C PRO G 14 26.29 49.99 -15.99
N GLY G 15 25.80 48.78 -16.28
CA GLY G 15 26.10 48.14 -17.55
C GLY G 15 27.51 47.60 -17.66
N GLY G 16 28.14 47.29 -16.55
CA GLY G 16 29.50 46.77 -16.52
C GLY G 16 29.53 45.26 -16.36
N SER G 17 30.47 44.79 -15.54
CA SER G 17 30.63 43.36 -15.30
C SER G 17 31.33 43.16 -13.97
N LEU G 18 31.23 41.93 -13.45
CA LEU G 18 31.85 41.56 -12.19
C LEU G 18 31.87 40.06 -12.07
N ARG G 19 32.98 39.51 -11.57
CA ARG G 19 33.12 38.09 -11.29
C ARG G 19 33.23 37.91 -9.79
N LEU G 20 32.31 37.12 -9.22
CA LEU G 20 32.24 36.88 -7.78
C LEU G 20 32.71 35.47 -7.51
N SER G 21 33.84 35.34 -6.81
CA SER G 21 34.35 34.04 -6.41
C SER G 21 33.90 33.69 -5.00
N CYS G 22 33.95 32.40 -4.67
CA CYS G 22 33.52 31.93 -3.36
C CYS G 22 34.41 30.75 -2.98
N ALA G 23 35.39 31.00 -2.11
CA ALA G 23 36.29 29.96 -1.64
C ALA G 23 35.54 29.09 -0.64
N ALA G 24 35.02 27.96 -1.11
CA ALA G 24 34.23 27.06 -0.28
C ALA G 24 35.16 26.05 0.38
N SER G 25 35.53 26.32 1.63
CA SER G 25 36.44 25.47 2.38
C SER G 25 35.72 24.88 3.59
N GLY G 26 36.38 23.90 4.21
CA GLY G 26 35.88 23.28 5.41
C GLY G 26 34.88 22.16 5.20
N PHE G 27 34.47 21.89 3.97
CA PHE G 27 33.55 20.80 3.69
C PHE G 27 33.90 20.19 2.34
N THR G 28 33.20 19.12 1.99
CA THR G 28 33.48 18.36 0.77
C THR G 28 32.72 18.97 -0.38
N PHE G 29 33.43 19.65 -1.27
CA PHE G 29 32.79 20.23 -2.45
C PHE G 29 32.35 19.12 -3.42
N SER G 30 31.60 19.53 -4.43
CA SER G 30 30.99 18.66 -5.44
C SER G 30 29.94 17.73 -4.86
N ASN G 31 29.62 17.86 -3.57
CA ASN G 31 28.54 17.10 -2.95
C ASN G 31 27.34 17.95 -2.59
N TYR G 32 27.49 19.27 -2.48
CA TYR G 32 26.44 20.16 -2.06
C TYR G 32 26.05 21.09 -3.21
N LYS G 33 24.76 21.38 -3.32
CA LYS G 33 24.32 22.38 -4.27
C LYS G 33 24.74 23.77 -3.81
N MET G 34 25.31 24.54 -4.71
CA MET G 34 25.82 25.87 -4.40
C MET G 34 24.85 26.92 -4.93
N ASN G 35 24.44 27.83 -4.05
CA ASN G 35 23.47 28.86 -4.37
C ASN G 35 24.10 30.24 -4.22
N TRP G 36 23.47 31.22 -4.87
CA TRP G 36 23.83 32.63 -4.76
C TRP G 36 22.59 33.39 -4.31
N VAL G 37 22.73 34.15 -3.23
CA VAL G 37 21.64 34.95 -2.68
C VAL G 37 22.18 36.35 -2.38
N ARG G 38 21.33 37.35 -2.55
CA ARG G 38 21.69 38.74 -2.29
C ARG G 38 20.71 39.37 -1.32
N GLN G 39 21.11 40.52 -0.78
CA GLN G 39 20.28 41.26 0.18
C GLN G 39 20.42 42.75 -0.14
N ALA G 40 19.46 43.30 -0.87
CA ALA G 40 19.49 44.71 -1.21
C ALA G 40 19.30 45.56 0.05
N PRO G 41 19.91 46.74 0.09
CA PRO G 41 19.72 47.63 1.24
C PRO G 41 18.26 48.04 1.38
N GLY G 42 17.65 47.61 2.48
CA GLY G 42 16.23 47.84 2.69
C GLY G 42 15.32 46.74 2.18
N LYS G 43 15.87 45.57 1.87
CA LYS G 43 15.10 44.44 1.37
C LYS G 43 15.53 43.17 2.10
N GLY G 44 14.76 42.11 1.88
CA GLY G 44 15.07 40.82 2.48
C GLY G 44 15.98 39.97 1.60
N LEU G 45 16.49 38.90 2.19
CA LEU G 45 17.36 37.99 1.48
C LEU G 45 16.59 37.25 0.39
N GLU G 46 16.97 37.49 -0.86
CA GLU G 46 16.33 36.86 -2.01
C GLU G 46 17.32 35.95 -2.72
N TRP G 47 16.79 34.96 -3.43
CA TRP G 47 17.60 33.97 -4.13
C TRP G 47 17.93 34.47 -5.52
N VAL G 48 19.19 34.31 -5.93
CA VAL G 48 19.65 34.80 -7.23
C VAL G 48 19.84 33.62 -8.17
N SER G 49 20.70 32.67 -7.79
CA SER G 49 21.03 31.56 -8.67
C SER G 49 21.56 30.40 -7.85
N ASP G 50 21.41 29.19 -8.39
CA ASP G 50 21.95 27.98 -7.80
C ASP G 50 22.64 27.17 -8.89
N ILE G 51 23.30 26.09 -8.48
CA ILE G 51 23.95 25.19 -9.42
C ILE G 51 24.12 23.82 -8.76
N SER G 52 23.89 22.76 -9.52
CA SER G 52 23.94 21.41 -8.98
C SER G 52 25.37 21.03 -8.60
N GLN G 53 25.49 19.91 -7.90
CA GLN G 53 26.79 19.41 -7.48
C GLN G 53 27.63 18.91 -8.64
N SER G 54 27.03 18.71 -9.82
CA SER G 54 27.75 18.28 -11.00
C SER G 54 27.88 19.38 -12.06
N GLY G 55 27.26 20.54 -11.85
CA GLY G 55 27.32 21.63 -12.79
C GLY G 55 26.29 21.57 -13.91
N ALA G 56 25.55 20.47 -14.05
CA ALA G 56 24.58 20.36 -15.13
C ALA G 56 23.36 21.24 -14.87
N SER G 57 22.71 21.06 -13.72
CA SER G 57 21.52 21.83 -13.40
C SER G 57 21.91 23.24 -12.98
N ILE G 58 21.38 24.23 -13.69
CA ILE G 58 21.68 25.63 -13.44
C ILE G 58 20.37 26.41 -13.43
N SER G 59 20.21 27.30 -12.45
CA SER G 59 19.00 28.08 -12.31
C SER G 59 19.36 29.51 -11.90
N TYR G 60 18.59 30.47 -12.40
CA TYR G 60 18.71 31.87 -12.02
C TYR G 60 17.34 32.42 -11.69
N THR G 61 17.33 33.53 -10.96
CA THR G 61 16.08 34.28 -10.79
C THR G 61 15.77 35.05 -12.06
N GLY G 62 14.54 35.58 -12.13
CA GLY G 62 14.08 36.19 -13.36
C GLY G 62 14.90 37.40 -13.78
N SER G 63 15.28 38.24 -12.81
CA SER G 63 15.96 39.48 -13.13
C SER G 63 17.37 39.25 -13.69
N VAL G 64 17.97 38.09 -13.44
CA VAL G 64 19.33 37.82 -13.88
C VAL G 64 19.36 36.55 -14.73
N LYS G 65 18.23 36.23 -15.36
CA LYS G 65 18.13 35.00 -16.14
C LYS G 65 19.16 34.96 -17.27
N GLY G 66 19.38 36.08 -17.95
CA GLY G 66 20.31 36.12 -19.04
C GLY G 66 21.58 36.91 -18.74
N ARG G 67 21.50 37.81 -17.77
CA ARG G 67 22.63 38.67 -17.47
C ARG G 67 23.70 37.93 -16.66
N PHE G 68 23.30 37.26 -15.58
CA PHE G 68 24.25 36.58 -14.72
C PHE G 68 24.53 35.17 -15.22
N THR G 69 25.68 34.64 -14.81
CA THR G 69 26.09 33.28 -15.17
C THR G 69 26.82 32.67 -13.99
N ILE G 70 26.26 31.62 -13.43
CA ILE G 70 26.86 30.94 -12.28
C ILE G 70 27.80 29.86 -12.79
N SER G 71 28.80 29.53 -11.98
CA SER G 71 29.79 28.53 -12.35
C SER G 71 30.49 28.05 -11.09
N ARG G 72 30.98 26.81 -11.12
CA ARG G 72 31.69 26.22 -10.01
C ARG G 72 32.80 25.33 -10.53
N ASP G 73 33.89 25.24 -9.76
CA ASP G 73 35.02 24.39 -10.07
C ASP G 73 35.19 23.42 -8.90
N ASN G 74 34.77 22.16 -9.11
CA ASN G 74 34.84 21.16 -8.05
C ASN G 74 36.28 20.85 -7.66
N ALA G 75 37.25 21.12 -8.54
CA ALA G 75 38.64 20.87 -8.19
C ALA G 75 39.17 21.93 -7.22
N LYS G 76 38.89 23.20 -7.51
CA LYS G 76 39.34 24.31 -6.68
C LYS G 76 38.39 24.61 -5.52
N ASN G 77 37.25 23.93 -5.45
CA ASN G 77 36.25 24.14 -4.40
C ASN G 77 35.79 25.60 -4.36
N THR G 78 35.61 26.18 -5.54
CA THR G 78 35.23 27.58 -5.67
C THR G 78 33.92 27.70 -6.45
N LEU G 79 33.20 28.80 -6.23
CA LEU G 79 31.94 29.07 -6.88
C LEU G 79 32.02 30.45 -7.54
N TYR G 80 31.68 30.50 -8.83
CA TYR G 80 31.73 31.74 -9.60
C TYR G 80 30.33 32.23 -9.93
N LEU G 81 30.20 33.55 -10.04
CA LEU G 81 28.96 34.20 -10.47
C LEU G 81 29.36 35.28 -11.49
N GLN G 82 29.42 34.89 -12.75
CA GLN G 82 29.79 35.82 -13.82
C GLN G 82 28.63 36.78 -14.05
N MET G 83 28.75 37.98 -13.49
CA MET G 83 27.71 39.00 -13.60
C MET G 83 28.07 39.97 -14.71
N ASN G 84 27.12 40.19 -15.63
CA ASN G 84 27.31 41.10 -16.75
C ASN G 84 26.10 42.00 -16.90
N SER G 85 26.32 43.16 -17.49
CA SER G 85 25.29 44.18 -17.69
C SER G 85 24.62 44.54 -16.37
N LEU G 86 25.45 44.99 -15.43
CA LEU G 86 24.96 45.29 -14.09
C LEU G 86 24.09 46.55 -14.11
N LYS G 87 22.94 46.47 -13.45
CA LYS G 87 21.98 47.55 -13.38
C LYS G 87 21.92 48.12 -11.97
N PRO G 88 21.37 49.33 -11.80
CA PRO G 88 21.26 49.92 -10.45
C PRO G 88 20.33 49.14 -9.53
N GLU G 89 19.73 48.06 -10.03
CA GLU G 89 18.92 47.17 -9.21
C GLU G 89 19.72 46.01 -8.63
N ASP G 90 20.96 45.82 -9.08
CA ASP G 90 21.81 44.73 -8.62
C ASP G 90 22.70 45.11 -7.44
N THR G 91 22.59 46.34 -6.94
CA THR G 91 23.40 46.77 -5.79
C THR G 91 22.90 46.05 -4.54
N ALA G 92 23.65 45.04 -4.10
CA ALA G 92 23.25 44.24 -2.95
C ALA G 92 24.45 43.45 -2.48
N VAL G 93 24.40 43.03 -1.21
CA VAL G 93 25.44 42.19 -0.63
C VAL G 93 25.17 40.76 -1.10
N TYR G 94 25.95 40.30 -2.08
CA TYR G 94 25.77 38.96 -2.62
C TYR G 94 26.40 37.93 -1.69
N TYR G 95 25.62 36.93 -1.32
CA TYR G 95 26.06 35.89 -0.39
C TYR G 95 26.22 34.57 -1.14
N CYS G 96 27.26 33.83 -0.77
CA CYS G 96 27.52 32.50 -1.31
C CYS G 96 26.93 31.49 -0.33
N ALA G 97 25.72 31.01 -0.63
CA ALA G 97 24.98 30.15 0.28
C ALA G 97 25.08 28.71 -0.19
N ARG G 98 25.57 27.84 0.69
CA ARG G 98 25.66 26.41 0.41
C ARG G 98 24.38 25.70 0.83
N CYS G 99 24.09 24.59 0.16
CA CYS G 99 22.93 23.78 0.51
C CYS G 99 23.20 23.03 1.82
N PRO G 100 22.19 22.86 2.67
CA PRO G 100 22.45 22.23 3.98
C PRO G 100 22.82 20.76 3.88
N ALA G 101 22.10 19.97 3.10
CA ALA G 101 22.34 18.54 3.03
C ALA G 101 22.95 18.15 1.70
N PRO G 102 23.91 17.22 1.69
CA PRO G 102 24.53 16.79 0.44
C PRO G 102 23.77 15.66 -0.24
N PHE G 103 23.97 15.57 -1.55
CA PHE G 103 23.37 14.52 -2.39
C PHE G 103 21.84 14.59 -2.34
N THR G 104 21.30 15.81 -2.30
CA THR G 104 19.87 16.02 -2.28
C THR G 104 19.45 16.94 -3.43
N ARG G 105 18.18 16.81 -3.82
CA ARG G 105 17.57 17.70 -4.79
C ARG G 105 16.80 18.84 -4.12
N ASP G 106 16.79 18.88 -2.80
CA ASP G 106 16.08 19.91 -2.04
C ASP G 106 17.10 20.85 -1.41
N CYS G 107 16.86 22.15 -1.55
CA CYS G 107 17.72 23.18 -0.97
C CYS G 107 16.83 24.11 -0.14
N PHE G 108 16.97 24.04 1.18
CA PHE G 108 16.10 24.74 2.10
C PHE G 108 16.87 25.86 2.81
N ASP G 109 16.15 26.94 3.12
CA ASP G 109 16.61 27.98 4.04
C ASP G 109 17.83 28.73 3.52
N VAL G 110 18.04 28.75 2.20
CA VAL G 110 19.15 29.52 1.65
C VAL G 110 18.89 31.02 1.72
N THR G 111 17.64 31.43 1.87
CA THR G 111 17.28 32.84 1.94
C THR G 111 16.79 33.26 3.32
N SER G 112 17.00 32.42 4.34
CA SER G 112 16.58 32.77 5.68
C SER G 112 17.50 33.84 6.28
N THR G 113 16.95 34.61 7.22
CA THR G 113 17.73 35.68 7.83
C THR G 113 18.93 35.12 8.59
N THR G 114 18.78 33.96 9.21
CA THR G 114 19.86 33.30 9.94
C THR G 114 20.13 31.95 9.28
N TYR G 115 21.33 31.79 8.74
CA TYR G 115 21.71 30.57 8.04
C TYR G 115 23.22 30.41 8.15
N ALA G 116 23.65 29.26 8.66
CA ALA G 116 25.06 29.06 8.97
C ALA G 116 25.89 28.69 7.75
N TYR G 117 25.26 28.13 6.72
CA TYR G 117 25.96 27.73 5.50
C TYR G 117 25.88 28.81 4.43
N ARG G 118 25.85 30.07 4.84
CA ARG G 118 25.86 31.21 3.94
C ARG G 118 27.13 32.02 4.17
N GLY G 119 27.74 32.47 3.08
CA GLY G 119 28.96 33.23 3.17
C GLY G 119 28.77 34.56 3.88
N GLN G 120 29.90 35.24 4.10
CA GLN G 120 29.86 36.53 4.77
C GLN G 120 29.28 37.62 3.87
N GLY G 121 29.42 37.46 2.57
CA GLY G 121 28.81 38.39 1.63
C GLY G 121 29.83 39.34 1.03
N THR G 122 29.55 39.78 -0.19
CA THR G 122 30.37 40.76 -0.90
C THR G 122 29.50 41.97 -1.22
N GLN G 123 29.94 43.14 -0.79
CA GLN G 123 29.19 44.37 -1.04
C GLN G 123 29.34 44.78 -2.50
N VAL G 124 28.43 44.31 -3.35
CA VAL G 124 28.42 44.67 -4.76
C VAL G 124 27.53 45.90 -4.93
N THR G 125 28.13 47.01 -5.37
CA THR G 125 27.43 48.26 -5.56
C THR G 125 27.49 48.64 -7.04
N VAL G 126 26.34 49.00 -7.61
CA VAL G 126 26.28 49.42 -9.00
C VAL G 126 25.87 50.88 -9.08
N SER G 127 26.84 51.77 -9.17
CA SER G 127 26.57 53.20 -9.24
C SER G 127 27.43 53.88 -10.31
#